data_3LYU
#
_entry.id   3LYU
#
_cell.length_a   77.654
_cell.length_b   77.654
_cell.length_c   117.513
_cell.angle_alpha   90.000
_cell.angle_beta   90.000
_cell.angle_gamma   120.000
#
_symmetry.space_group_name_H-M   'P 31'
#
loop_
_entity.id
_entity.type
_entity.pdbx_description
1 polymer 'Putative hydrogenase'
2 water water
#
_entity_poly.entity_id   1
_entity_poly.type   'polypeptide(L)'
_entity_poly.pdbx_seq_one_letter_code
;(MSE)LLNVAGPLGTPVP(MSE)EKFGKILAIGAYTGIVEVYPIAKAWQEIGNDVTTLHVTFEP(MSE)VILKEELEKAV
TRHIVEPVPLNPNQDFLAN(MSE)KNVSQRLKEKVRELLESEDWDLVF(MSE)VGPVGDQKQVFEVVKEYGVP(MSE)LE
HHHHHH
;
_entity_poly.pdbx_strand_id   A,B,C,D,E,F
#
# COMPACT_ATOMS: atom_id res chain seq x y z
N GLY A 7 1.77 -15.77 4.15
CA GLY A 7 0.28 -15.90 4.24
C GLY A 7 -0.42 -14.73 4.92
N PRO A 8 -1.75 -14.83 5.16
CA PRO A 8 -2.52 -13.78 5.81
C PRO A 8 -2.16 -13.58 7.26
N LEU A 9 -2.02 -12.32 7.67
CA LEU A 9 -1.68 -11.97 9.04
C LEU A 9 -2.68 -10.98 9.61
N GLY A 10 -2.55 -10.72 10.92
CA GLY A 10 -3.43 -9.77 11.57
C GLY A 10 -3.24 -8.38 11.00
N THR A 11 -4.24 -7.52 11.15
CA THR A 11 -4.14 -6.16 10.64
C THR A 11 -2.89 -5.48 11.19
N PRO A 12 -1.94 -5.10 10.30
CA PRO A 12 -0.72 -4.42 10.75
C PRO A 12 -1.09 -3.07 11.33
N VAL A 13 -0.70 -2.84 12.58
CA VAL A 13 -1.03 -1.61 13.28
C VAL A 13 0.20 -1.01 13.95
N PRO A 14 0.24 0.33 14.07
CA PRO A 14 1.37 1.03 14.70
C PRO A 14 1.31 1.01 16.22
N MSE A 15 2.45 0.75 16.85
CA MSE A 15 2.54 0.69 18.30
C MSE A 15 2.98 2.00 18.95
O MSE A 15 4.14 2.16 19.33
CB MSE A 15 3.50 -0.43 18.70
CG MSE A 15 2.90 -1.82 18.56
SE MSE A 15 1.33 -1.95 19.65
CE MSE A 15 0.08 -2.58 18.30
N GLU A 16 2.04 2.93 19.10
CA GLU A 16 2.37 4.22 19.72
C GLU A 16 1.38 4.57 20.84
N LYS A 17 1.68 5.65 21.53
CA LYS A 17 0.81 6.11 22.59
C LYS A 17 -0.08 7.15 21.95
N PHE A 18 -1.32 6.78 21.67
CA PHE A 18 -2.26 7.72 21.08
C PHE A 18 -3.03 8.36 22.22
N GLY A 19 -3.01 7.70 23.38
CA GLY A 19 -3.72 8.19 24.54
C GLY A 19 -4.86 7.25 24.87
N LYS A 20 -6.09 7.73 24.72
CA LYS A 20 -7.28 6.93 24.99
C LYS A 20 -7.82 6.34 23.68
N ILE A 21 -7.84 5.02 23.60
CA ILE A 21 -8.29 4.32 22.41
C ILE A 21 -9.56 3.49 22.58
N LEU A 22 -10.45 3.61 21.59
CA LEU A 22 -11.68 2.85 21.59
C LEU A 22 -11.49 1.77 20.52
N ALA A 23 -11.19 0.56 20.95
CA ALA A 23 -10.98 -0.56 20.04
C ALA A 23 -12.30 -1.35 19.93
N ILE A 24 -12.90 -1.32 18.75
CA ILE A 24 -14.18 -1.98 18.50
C ILE A 24 -14.07 -3.27 17.69
N GLY A 25 -14.85 -4.26 18.10
CA GLY A 25 -14.83 -5.54 17.42
C GLY A 25 -16.26 -6.00 17.22
N ALA A 26 -16.70 -6.12 15.97
CA ALA A 26 -18.05 -6.56 15.69
C ALA A 26 -18.04 -8.04 15.37
N TYR A 27 -18.99 -8.78 15.96
CA TYR A 27 -19.09 -10.22 15.75
C TYR A 27 -17.77 -10.90 16.13
N THR A 28 -17.24 -11.74 15.24
CA THR A 28 -15.99 -12.44 15.53
C THR A 28 -14.79 -11.53 15.31
N GLY A 29 -15.04 -10.30 14.90
CA GLY A 29 -13.98 -9.34 14.69
C GLY A 29 -13.24 -9.07 15.98
N ILE A 30 -13.86 -9.35 17.12
CA ILE A 30 -13.23 -9.13 18.43
C ILE A 30 -11.99 -10.03 18.68
N VAL A 31 -11.98 -11.20 18.05
CA VAL A 31 -10.85 -12.13 18.19
C VAL A 31 -9.56 -11.45 17.74
N GLU A 32 -9.64 -10.74 16.62
CA GLU A 32 -8.50 -10.04 16.05
C GLU A 32 -8.12 -8.76 16.83
N VAL A 33 -9.11 -7.99 17.27
CA VAL A 33 -8.79 -6.79 18.01
C VAL A 33 -8.19 -7.12 19.36
N TYR A 34 -8.51 -8.30 19.88
CA TYR A 34 -7.98 -8.67 21.19
C TYR A 34 -6.47 -8.48 21.31
N PRO A 35 -5.67 -9.27 20.58
CA PRO A 35 -4.22 -9.10 20.68
C PRO A 35 -3.72 -7.67 20.40
N ILE A 36 -4.49 -6.92 19.62
CA ILE A 36 -4.11 -5.54 19.27
C ILE A 36 -4.31 -4.58 20.46
N ALA A 37 -5.49 -4.68 21.08
CA ALA A 37 -5.86 -3.84 22.22
C ALA A 37 -5.02 -4.17 23.44
N LYS A 38 -4.63 -5.43 23.55
CA LYS A 38 -3.83 -5.89 24.66
C LYS A 38 -2.47 -5.21 24.61
N ALA A 39 -1.88 -5.20 23.42
CA ALA A 39 -0.57 -4.59 23.19
C ALA A 39 -0.61 -3.07 23.32
N TRP A 40 -1.71 -2.45 22.93
CA TRP A 40 -1.84 -0.99 23.04
C TRP A 40 -1.91 -0.55 24.50
N GLN A 41 -2.56 -1.35 25.34
CA GLN A 41 -2.68 -1.05 26.75
C GLN A 41 -1.28 -1.09 27.40
N GLU A 42 -0.56 -2.17 27.12
CA GLU A 42 0.79 -2.37 27.65
C GLU A 42 1.75 -1.26 27.24
N ILE A 43 1.55 -0.71 26.05
CA ILE A 43 2.37 0.36 25.50
C ILE A 43 2.07 1.72 26.15
N GLY A 44 1.02 1.79 26.96
CA GLY A 44 0.69 3.04 27.62
C GLY A 44 -0.58 3.74 27.13
N ASN A 45 -1.43 3.00 26.44
CA ASN A 45 -2.69 3.54 25.91
C ASN A 45 -3.85 3.12 26.81
N ASP A 46 -4.81 4.02 26.99
CA ASP A 46 -6.01 3.75 27.79
C ASP A 46 -7.04 3.23 26.81
N VAL A 47 -6.95 1.95 26.48
CA VAL A 47 -7.88 1.37 25.53
C VAL A 47 -9.09 0.74 26.20
N THR A 48 -10.27 1.03 25.67
CA THR A 48 -11.47 0.45 26.20
C THR A 48 -12.05 -0.25 24.98
N THR A 49 -12.29 -1.55 25.09
CA THR A 49 -12.81 -2.29 23.95
C THR A 49 -14.32 -2.43 23.95
N LEU A 50 -14.89 -2.53 22.76
CA LEU A 50 -16.34 -2.69 22.65
C LEU A 50 -16.61 -3.86 21.73
N HIS A 51 -17.37 -4.82 22.22
CA HIS A 51 -17.73 -5.99 21.42
C HIS A 51 -19.22 -6.00 21.21
N VAL A 52 -19.66 -5.81 19.97
CA VAL A 52 -21.08 -5.83 19.66
C VAL A 52 -21.33 -7.08 18.82
N THR A 53 -22.18 -7.97 19.33
CA THR A 53 -22.48 -9.22 18.65
C THR A 53 -23.78 -9.77 19.22
N PHE A 54 -24.18 -10.97 18.79
CA PHE A 54 -25.41 -11.59 19.29
C PHE A 54 -25.14 -12.30 20.61
N GLU A 55 -26.17 -12.36 21.47
CA GLU A 55 -26.04 -12.99 22.77
C GLU A 55 -25.23 -14.28 22.82
N PRO A 56 -25.51 -15.22 21.87
CA PRO A 56 -24.79 -16.50 21.83
C PRO A 56 -23.42 -16.46 21.14
N MSE A 57 -22.84 -15.27 21.03
CA MSE A 57 -21.55 -15.15 20.37
C MSE A 57 -20.46 -14.36 21.06
O MSE A 57 -19.40 -14.12 20.46
CB MSE A 57 -21.74 -14.59 18.98
CG MSE A 57 -22.50 -15.48 18.05
SE MSE A 57 -22.61 -14.67 16.34
CE MSE A 57 -20.74 -14.24 16.03
N VAL A 58 -20.68 -13.91 22.28
CA VAL A 58 -19.64 -13.16 22.96
C VAL A 58 -18.48 -14.10 23.26
N ILE A 59 -17.26 -13.61 23.11
CA ILE A 59 -16.08 -14.41 23.37
C ILE A 59 -14.96 -13.50 23.90
N LEU A 60 -13.98 -14.08 24.59
CA LEU A 60 -12.84 -13.35 25.14
C LEU A 60 -13.17 -12.30 26.18
N LYS A 61 -14.42 -12.25 26.61
CA LYS A 61 -14.87 -11.26 27.59
C LYS A 61 -13.95 -11.15 28.80
N GLU A 62 -13.70 -12.28 29.43
CA GLU A 62 -12.85 -12.37 30.60
C GLU A 62 -11.43 -11.88 30.29
N GLU A 63 -10.89 -12.39 29.19
CA GLU A 63 -9.55 -12.09 28.72
C GLU A 63 -9.21 -10.62 28.49
N LEU A 64 -10.10 -9.88 27.83
CA LEU A 64 -9.79 -8.50 27.57
C LEU A 64 -10.27 -7.49 28.61
N GLU A 65 -10.95 -7.98 29.65
CA GLU A 65 -11.36 -7.07 30.72
C GLU A 65 -10.10 -6.92 31.58
N LYS A 66 -9.26 -7.95 31.51
CA LYS A 66 -8.01 -8.01 32.24
C LYS A 66 -6.86 -7.36 31.47
N ALA A 67 -7.06 -7.15 30.18
CA ALA A 67 -6.04 -6.56 29.31
C ALA A 67 -6.23 -5.08 29.02
N VAL A 68 -7.48 -4.60 29.06
CA VAL A 68 -7.76 -3.19 28.78
C VAL A 68 -8.30 -2.50 30.02
N THR A 69 -8.33 -1.17 30.01
CA THR A 69 -8.84 -0.45 31.17
C THR A 69 -10.30 -0.81 31.34
N ARG A 70 -11.03 -0.87 30.23
CA ARG A 70 -12.45 -1.21 30.26
C ARG A 70 -12.92 -1.95 29.02
N HIS A 71 -13.66 -3.05 29.23
CA HIS A 71 -14.20 -3.82 28.13
C HIS A 71 -15.72 -3.84 28.17
N ILE A 72 -16.35 -3.39 27.08
CA ILE A 72 -17.82 -3.33 26.98
C ILE A 72 -18.38 -4.38 26.03
N VAL A 73 -19.43 -5.06 26.46
CA VAL A 73 -20.06 -6.08 25.62
C VAL A 73 -21.53 -5.72 25.47
N GLU A 74 -21.99 -5.67 24.23
CA GLU A 74 -23.39 -5.36 23.94
C GLU A 74 -24.01 -6.54 23.20
N PRO A 75 -24.59 -7.49 23.95
CA PRO A 75 -25.21 -8.68 23.36
C PRO A 75 -26.61 -8.41 22.83
N VAL A 76 -26.74 -8.49 21.51
CA VAL A 76 -28.01 -8.28 20.85
C VAL A 76 -28.68 -9.65 20.70
N PRO A 77 -29.98 -9.75 21.04
CA PRO A 77 -30.76 -11.00 20.95
C PRO A 77 -30.92 -11.50 19.53
N LEU A 78 -30.56 -12.76 19.29
CA LEU A 78 -30.66 -13.35 17.96
C LEU A 78 -32.06 -13.89 17.70
N ASN A 79 -32.92 -13.08 17.08
CA ASN A 79 -34.28 -13.49 16.76
C ASN A 79 -34.27 -14.47 15.58
N PRO A 80 -34.54 -15.77 15.84
CA PRO A 80 -34.56 -16.82 14.81
C PRO A 80 -35.83 -16.84 13.95
N ASN A 81 -36.65 -15.81 14.08
CA ASN A 81 -37.90 -15.72 13.31
C ASN A 81 -37.78 -14.69 12.21
N GLN A 82 -36.54 -14.29 11.91
CA GLN A 82 -36.27 -13.31 10.85
C GLN A 82 -35.01 -13.67 10.11
N ASP A 83 -34.98 -13.35 8.81
CA ASP A 83 -33.78 -13.65 8.02
C ASP A 83 -32.62 -13.00 8.78
N PHE A 84 -31.43 -13.56 8.63
CA PHE A 84 -30.27 -13.03 9.33
C PHE A 84 -30.02 -11.55 9.05
N LEU A 85 -30.42 -11.09 7.88
CA LEU A 85 -30.23 -9.69 7.51
C LEU A 85 -30.98 -8.78 8.51
N ALA A 86 -32.23 -9.14 8.82
CA ALA A 86 -33.05 -8.38 9.74
C ALA A 86 -32.41 -8.31 11.12
N ASN A 87 -31.68 -9.36 11.49
CA ASN A 87 -30.99 -9.41 12.79
C ASN A 87 -29.71 -8.59 12.84
N MSE A 88 -28.97 -8.56 11.74
CA MSE A 88 -27.74 -7.81 11.69
C MSE A 88 -28.04 -6.35 11.81
O MSE A 88 -27.25 -5.56 12.34
CB MSE A 88 -27.02 -8.07 10.37
CG MSE A 88 -26.65 -9.53 10.14
SE MSE A 88 -25.59 -9.77 8.55
CE MSE A 88 -23.96 -8.86 9.18
N LYS A 89 -29.21 -5.97 11.30
CA LYS A 89 -29.68 -4.61 11.33
C LYS A 89 -29.74 -4.13 12.79
N ASN A 90 -30.08 -5.05 13.70
CA ASN A 90 -30.16 -4.72 15.11
C ASN A 90 -28.78 -4.50 15.69
N VAL A 91 -27.81 -5.29 15.25
CA VAL A 91 -26.44 -5.16 15.73
C VAL A 91 -25.85 -3.87 15.19
N SER A 92 -26.20 -3.54 13.96
CA SER A 92 -25.72 -2.31 13.34
C SER A 92 -26.25 -1.11 14.14
N GLN A 93 -27.51 -1.19 14.56
CA GLN A 93 -28.15 -0.12 15.34
C GLN A 93 -27.50 0.04 16.70
N ARG A 94 -27.39 -1.07 17.43
CA ARG A 94 -26.78 -1.08 18.75
C ARG A 94 -25.35 -0.53 18.70
N LEU A 95 -24.71 -0.74 17.56
CA LEU A 95 -23.33 -0.30 17.33
C LEU A 95 -23.20 1.21 17.17
N LYS A 96 -24.11 1.83 16.42
CA LYS A 96 -24.08 3.28 16.21
C LYS A 96 -24.42 3.95 17.52
N GLU A 97 -25.47 3.44 18.15
CA GLU A 97 -25.94 3.98 19.42
C GLU A 97 -24.89 4.00 20.53
N LYS A 98 -24.20 2.87 20.74
CA LYS A 98 -23.18 2.80 21.80
C LYS A 98 -21.96 3.69 21.52
N VAL A 99 -21.57 3.78 20.26
CA VAL A 99 -20.43 4.60 19.87
C VAL A 99 -20.80 6.08 20.03
N ARG A 100 -21.93 6.45 19.45
CA ARG A 100 -22.45 7.80 19.54
C ARG A 100 -22.46 8.19 21.01
N GLU A 101 -22.92 7.25 21.84
CA GLU A 101 -23.00 7.44 23.28
C GLU A 101 -21.65 7.58 23.97
N LEU A 102 -20.64 6.86 23.47
CA LEU A 102 -19.31 6.90 24.07
C LEU A 102 -18.49 8.11 23.63
N LEU A 103 -18.83 8.65 22.46
CA LEU A 103 -18.11 9.81 21.95
C LEU A 103 -18.77 11.08 22.45
N GLU A 104 -20.09 11.00 22.66
CA GLU A 104 -20.86 12.12 23.15
C GLU A 104 -20.62 12.22 24.64
N SER A 105 -20.18 11.10 25.22
CA SER A 105 -19.87 11.03 26.63
C SER A 105 -18.43 11.51 26.79
N GLU A 106 -17.52 10.57 27.00
CA GLU A 106 -16.10 10.87 27.16
C GLU A 106 -15.42 11.30 25.86
N ASP A 107 -14.14 11.65 25.95
CA ASP A 107 -13.39 12.08 24.77
C ASP A 107 -12.32 11.04 24.45
N TRP A 108 -12.09 10.82 23.16
CA TRP A 108 -11.11 9.82 22.74
C TRP A 108 -10.06 10.40 21.83
N ASP A 109 -8.92 9.70 21.77
CA ASP A 109 -7.81 10.13 20.93
C ASP A 109 -7.81 9.36 19.62
N LEU A 110 -8.34 8.15 19.66
CA LEU A 110 -8.39 7.32 18.47
C LEU A 110 -9.46 6.24 18.55
N VAL A 111 -9.97 5.84 17.38
CA VAL A 111 -10.96 4.78 17.30
C VAL A 111 -10.48 3.78 16.25
N PHE A 112 -10.48 2.51 16.61
CA PHE A 112 -10.06 1.47 15.69
C PHE A 112 -11.11 0.38 15.67
N MSE A 113 -11.49 -0.07 14.48
CA MSE A 113 -12.50 -1.10 14.39
C MSE A 113 -12.22 -2.21 13.37
O MSE A 113 -11.57 -2.00 12.34
CB MSE A 113 -13.84 -0.47 14.09
CG MSE A 113 -14.94 -1.47 14.19
SE MSE A 113 -16.56 -0.84 13.45
CE MSE A 113 -17.11 -2.52 12.57
N VAL A 114 -12.74 -3.39 13.69
CA VAL A 114 -12.63 -4.54 12.82
C VAL A 114 -13.98 -5.25 12.84
N GLY A 115 -14.63 -5.28 11.67
CA GLY A 115 -15.93 -5.92 11.53
C GLY A 115 -16.38 -5.81 10.08
N PRO A 116 -17.59 -6.27 9.72
CA PRO A 116 -18.02 -6.14 8.32
C PRO A 116 -17.88 -4.70 7.82
N VAL A 117 -17.56 -4.56 6.53
CA VAL A 117 -17.35 -3.25 5.93
C VAL A 117 -18.60 -2.38 5.92
N GLY A 118 -19.75 -3.00 6.20
CA GLY A 118 -20.99 -2.24 6.22
C GLY A 118 -21.17 -1.54 7.56
N ASP A 119 -20.57 -2.09 8.60
CA ASP A 119 -20.65 -1.51 9.93
C ASP A 119 -19.51 -0.52 10.10
N GLN A 120 -18.41 -0.78 9.40
CA GLN A 120 -17.26 0.10 9.48
C GLN A 120 -17.64 1.44 8.89
N LYS A 121 -18.53 1.41 7.91
CA LYS A 121 -19.01 2.63 7.27
C LYS A 121 -19.89 3.39 8.22
N GLN A 122 -20.89 2.69 8.76
CA GLN A 122 -21.84 3.29 9.68
C GLN A 122 -21.17 3.87 10.92
N VAL A 123 -20.13 3.19 11.37
CA VAL A 123 -19.38 3.61 12.55
C VAL A 123 -18.47 4.79 12.20
N PHE A 124 -18.01 4.83 10.95
CA PHE A 124 -17.15 5.91 10.50
C PHE A 124 -17.94 7.22 10.45
N GLU A 125 -19.22 7.11 10.12
CA GLU A 125 -20.07 8.29 10.04
C GLU A 125 -20.19 8.96 11.41
N VAL A 126 -20.32 8.13 12.44
CA VAL A 126 -20.45 8.61 13.82
C VAL A 126 -19.14 9.22 14.29
N VAL A 127 -18.02 8.68 13.83
CA VAL A 127 -16.72 9.17 14.25
C VAL A 127 -16.31 10.46 13.56
N LYS A 128 -16.55 10.56 12.27
CA LYS A 128 -16.19 11.78 11.54
C LYS A 128 -17.00 12.93 12.12
N GLU A 129 -18.10 12.56 12.78
CA GLU A 129 -19.03 13.50 13.40
C GLU A 129 -18.40 14.23 14.58
N TYR A 130 -17.53 13.54 15.32
CA TYR A 130 -16.90 14.13 16.51
C TYR A 130 -15.46 14.58 16.38
N GLY A 131 -14.86 14.41 15.21
CA GLY A 131 -13.49 14.84 15.00
C GLY A 131 -12.44 13.90 15.55
N VAL A 132 -12.81 12.64 15.79
CA VAL A 132 -11.87 11.65 16.31
C VAL A 132 -11.29 10.84 15.15
N PRO A 133 -9.95 10.72 15.09
CA PRO A 133 -9.28 9.96 14.01
C PRO A 133 -9.59 8.46 14.07
N MSE A 134 -9.70 7.82 12.91
CA MSE A 134 -10.00 6.40 12.87
C MSE A 134 -8.92 5.62 12.13
O MSE A 134 -8.43 6.03 11.08
CB MSE A 134 -11.40 6.18 12.27
CG MSE A 134 -12.01 4.84 12.64
SE MSE A 134 -13.76 4.48 11.87
CE MSE A 134 -13.32 2.89 10.84
N LEU A 135 -8.44 4.53 12.75
CA LEU A 135 -7.35 3.75 12.18
C LEU A 135 -7.67 3.07 10.86
N GLY B 7 -13.30 7.21 3.57
CA GLY B 7 -14.01 6.19 4.40
C GLY B 7 -13.69 4.76 4.00
N PRO B 8 -14.19 3.78 4.77
CA PRO B 8 -13.93 2.37 4.48
C PRO B 8 -14.77 1.84 3.32
N LEU B 9 -14.12 1.11 2.42
CA LEU B 9 -14.80 0.53 1.27
C LEU B 9 -14.57 -0.97 1.19
N GLY B 10 -15.27 -1.63 0.26
CA GLY B 10 -15.10 -3.06 0.11
C GLY B 10 -13.70 -3.37 -0.34
N THR B 11 -13.28 -4.61 -0.15
CA THR B 11 -11.94 -5.03 -0.55
C THR B 11 -11.71 -4.74 -2.05
N PRO B 12 -10.76 -3.84 -2.37
CA PRO B 12 -10.47 -3.53 -3.78
C PRO B 12 -9.93 -4.77 -4.46
N VAL B 13 -10.59 -5.19 -5.53
CA VAL B 13 -10.17 -6.39 -6.23
C VAL B 13 -10.10 -6.14 -7.73
N PRO B 14 -9.22 -6.87 -8.44
CA PRO B 14 -9.06 -6.71 -9.88
C PRO B 14 -10.15 -7.44 -10.67
N MSE B 15 -10.64 -6.80 -11.73
CA MSE B 15 -11.69 -7.39 -12.55
C MSE B 15 -11.17 -8.07 -13.82
O MSE B 15 -11.22 -7.49 -14.89
CB MSE B 15 -12.70 -6.30 -12.93
CG MSE B 15 -13.63 -5.93 -11.79
SE MSE B 15 -14.63 -7.48 -11.16
CE MSE B 15 -14.23 -7.46 -9.30
N GLU B 16 -10.69 -9.30 -13.68
CA GLU B 16 -10.15 -10.05 -14.83
C GLU B 16 -10.73 -11.43 -14.92
N LYS B 17 -10.41 -12.11 -16.02
CA LYS B 17 -10.88 -13.47 -16.20
C LYS B 17 -9.76 -14.36 -15.69
N PHE B 18 -9.93 -14.91 -14.49
CA PHE B 18 -8.94 -15.80 -13.92
C PHE B 18 -9.34 -17.22 -14.28
N GLY B 19 -10.59 -17.39 -14.66
CA GLY B 19 -11.10 -18.68 -15.03
C GLY B 19 -12.09 -19.17 -14.00
N LYS B 20 -11.74 -20.24 -13.30
CA LYS B 20 -12.60 -20.81 -12.27
C LYS B 20 -12.18 -20.29 -10.91
N ILE B 21 -13.10 -19.58 -10.26
CA ILE B 21 -12.81 -18.98 -8.97
C ILE B 21 -13.62 -19.53 -7.79
N LEU B 22 -12.94 -19.74 -6.68
CA LEU B 22 -13.59 -20.23 -5.48
C LEU B 22 -13.61 -19.03 -4.54
N ALA B 23 -14.76 -18.38 -4.45
CA ALA B 23 -14.91 -17.23 -3.56
C ALA B 23 -15.51 -17.71 -2.23
N ILE B 24 -14.72 -17.61 -1.15
CA ILE B 24 -15.14 -18.04 0.18
C ILE B 24 -15.52 -16.90 1.13
N GLY B 25 -16.57 -17.11 1.90
CA GLY B 25 -17.01 -16.11 2.84
C GLY B 25 -17.34 -16.79 4.15
N ALA B 26 -16.60 -16.47 5.20
CA ALA B 26 -16.84 -17.07 6.50
C ALA B 26 -17.71 -16.14 7.34
N TYR B 27 -18.69 -16.71 8.02
CA TYR B 27 -19.59 -15.94 8.86
C TYR B 27 -20.22 -14.81 8.03
N THR B 28 -20.21 -13.58 8.54
CA THR B 28 -20.81 -12.46 7.81
C THR B 28 -19.91 -12.00 6.67
N GLY B 29 -18.75 -12.63 6.54
CA GLY B 29 -17.83 -12.26 5.49
C GLY B 29 -18.46 -12.45 4.13
N ILE B 30 -19.51 -13.28 4.06
CA ILE B 30 -20.21 -13.55 2.79
C ILE B 30 -20.92 -12.32 2.21
N VAL B 31 -21.30 -11.41 3.08
CA VAL B 31 -21.97 -10.19 2.61
C VAL B 31 -21.07 -9.40 1.67
N GLU B 32 -19.79 -9.34 2.02
CA GLU B 32 -18.81 -8.63 1.22
C GLU B 32 -18.38 -9.37 -0.05
N VAL B 33 -18.21 -10.68 0.04
CA VAL B 33 -17.81 -11.43 -1.15
C VAL B 33 -18.94 -11.47 -2.18
N TYR B 34 -20.18 -11.31 -1.70
CA TYR B 34 -21.31 -11.35 -2.62
C TYR B 34 -21.12 -10.44 -3.84
N PRO B 35 -21.10 -9.11 -3.64
CA PRO B 35 -20.92 -8.21 -4.78
C PRO B 35 -19.65 -8.46 -5.60
N ILE B 36 -18.64 -9.02 -4.96
CA ILE B 36 -17.40 -9.32 -5.65
C ILE B 36 -17.56 -10.52 -6.58
N ALA B 37 -18.13 -11.60 -6.05
CA ALA B 37 -18.35 -12.83 -6.81
C ALA B 37 -19.35 -12.61 -7.94
N LYS B 38 -20.32 -11.74 -7.70
CA LYS B 38 -21.34 -11.45 -8.69
C LYS B 38 -20.70 -10.82 -9.91
N ALA B 39 -19.82 -9.86 -9.67
CA ALA B 39 -19.10 -9.15 -10.73
C ALA B 39 -18.09 -10.03 -11.47
N TRP B 40 -17.48 -10.98 -10.77
CA TRP B 40 -16.51 -11.86 -11.43
C TRP B 40 -17.21 -12.81 -12.39
N GLN B 41 -18.41 -13.25 -12.03
CA GLN B 41 -19.17 -14.16 -12.86
C GLN B 41 -19.53 -13.44 -14.16
N GLU B 42 -20.07 -12.23 -14.02
CA GLU B 42 -20.47 -11.42 -15.19
C GLU B 42 -19.30 -11.12 -16.13
N ILE B 43 -18.10 -11.01 -15.56
CA ILE B 43 -16.89 -10.72 -16.31
C ILE B 43 -16.34 -11.94 -17.07
N GLY B 44 -16.93 -13.10 -16.82
CA GLY B 44 -16.49 -14.29 -17.52
C GLY B 44 -15.78 -15.33 -16.69
N ASN B 45 -15.92 -15.23 -15.37
CA ASN B 45 -15.30 -16.17 -14.44
C ASN B 45 -16.29 -17.22 -13.95
N ASP B 46 -15.84 -18.45 -13.80
CA ASP B 46 -16.69 -19.53 -13.29
C ASP B 46 -16.50 -19.53 -11.79
N VAL B 47 -17.17 -18.63 -11.09
CA VAL B 47 -17.02 -18.56 -9.65
C VAL B 47 -18.05 -19.39 -8.90
N THR B 48 -17.59 -20.14 -7.91
CA THR B 48 -18.45 -20.96 -7.08
C THR B 48 -18.15 -20.44 -5.68
N THR B 49 -19.18 -19.98 -4.98
CA THR B 49 -18.99 -19.43 -3.65
C THR B 49 -19.23 -20.43 -2.55
N LEU B 50 -18.51 -20.25 -1.45
CA LEU B 50 -18.68 -21.13 -0.32
C LEU B 50 -18.94 -20.29 0.91
N HIS B 51 -20.03 -20.57 1.61
CA HIS B 51 -20.34 -19.82 2.82
C HIS B 51 -20.32 -20.78 4.00
N VAL B 52 -19.35 -20.60 4.89
CA VAL B 52 -19.27 -21.45 6.07
C VAL B 52 -19.62 -20.58 7.28
N THR B 53 -20.69 -20.95 7.96
CA THR B 53 -21.15 -20.20 9.12
C THR B 53 -22.05 -21.11 9.97
N PHE B 54 -22.66 -20.56 11.02
CA PHE B 54 -23.55 -21.35 11.89
C PHE B 54 -24.94 -21.42 11.30
N GLU B 55 -25.66 -22.50 11.58
CA GLU B 55 -27.00 -22.69 11.04
C GLU B 55 -27.89 -21.45 11.05
N PRO B 56 -27.93 -20.73 12.18
CA PRO B 56 -28.77 -19.52 12.29
C PRO B 56 -28.17 -18.26 11.69
N MSE B 57 -27.19 -18.39 10.79
CA MSE B 57 -26.54 -17.23 10.21
C MSE B 57 -26.35 -17.19 8.70
O MSE B 57 -25.67 -16.29 8.19
CB MSE B 57 -25.18 -17.04 10.85
CG MSE B 57 -25.24 -16.69 12.32
SE MSE B 57 -23.46 -16.50 12.97
CE MSE B 57 -22.81 -15.16 11.70
N VAL B 58 -26.90 -18.15 7.98
CA VAL B 58 -26.74 -18.13 6.54
C VAL B 58 -27.56 -16.95 6.00
N ILE B 59 -26.99 -16.27 5.01
CA ILE B 59 -27.63 -15.11 4.39
C ILE B 59 -27.23 -15.04 2.94
N LEU B 60 -28.02 -14.36 2.12
CA LEU B 60 -27.76 -14.20 0.70
C LEU B 60 -27.75 -15.47 -0.13
N LYS B 61 -28.12 -16.60 0.48
CA LYS B 61 -28.13 -17.89 -0.21
C LYS B 61 -28.82 -17.86 -1.59
N GLU B 62 -30.05 -17.37 -1.61
CA GLU B 62 -30.86 -17.26 -2.82
C GLU B 62 -30.17 -16.37 -3.86
N GLU B 63 -29.75 -15.20 -3.39
CA GLU B 63 -29.09 -14.18 -4.20
C GLU B 63 -27.85 -14.61 -4.96
N LEU B 64 -26.94 -15.30 -4.29
CA LEU B 64 -25.71 -15.71 -4.98
C LEU B 64 -25.75 -17.07 -5.67
N GLU B 65 -26.86 -17.77 -5.59
CA GLU B 65 -26.98 -19.04 -6.29
C GLU B 65 -27.34 -18.62 -7.70
N LYS B 66 -27.98 -17.46 -7.79
CA LYS B 66 -28.41 -16.87 -9.05
C LYS B 66 -27.32 -16.03 -9.71
N ALA B 67 -26.30 -15.67 -8.94
CA ALA B 67 -25.20 -14.84 -9.45
C ALA B 67 -23.93 -15.62 -9.82
N VAL B 68 -23.72 -16.79 -9.22
CA VAL B 68 -22.53 -17.58 -9.52
C VAL B 68 -22.94 -18.91 -10.13
N THR B 69 -21.98 -19.63 -10.71
CA THR B 69 -22.30 -20.92 -11.31
C THR B 69 -22.81 -21.84 -10.22
N ARG B 70 -22.13 -21.84 -9.07
CA ARG B 70 -22.50 -22.68 -7.95
C ARG B 70 -22.24 -22.06 -6.57
N HIS B 71 -23.24 -22.10 -5.70
CA HIS B 71 -23.09 -21.57 -4.36
C HIS B 71 -23.23 -22.66 -3.31
N ILE B 72 -22.21 -22.82 -2.47
CA ILE B 72 -22.22 -23.84 -1.43
C ILE B 72 -22.39 -23.27 -0.03
N VAL B 73 -23.26 -23.87 0.77
CA VAL B 73 -23.47 -23.41 2.14
C VAL B 73 -23.23 -24.58 3.08
N GLU B 74 -22.38 -24.36 4.08
CA GLU B 74 -22.05 -25.38 5.07
C GLU B 74 -22.46 -24.85 6.45
N PRO B 75 -23.72 -25.10 6.88
CA PRO B 75 -24.22 -24.64 8.18
C PRO B 75 -23.76 -25.52 9.34
N VAL B 76 -22.93 -24.96 10.20
CA VAL B 76 -22.44 -25.67 11.35
C VAL B 76 -23.38 -25.36 12.53
N PRO B 77 -23.80 -26.39 13.28
CA PRO B 77 -24.70 -26.25 14.43
C PRO B 77 -24.11 -25.44 15.57
N LEU B 78 -24.83 -24.41 16.01
CA LEU B 78 -24.36 -23.56 17.09
C LEU B 78 -24.67 -24.15 18.45
N ASN B 79 -23.72 -24.90 19.02
CA ASN B 79 -23.89 -25.50 20.34
C ASN B 79 -23.80 -24.43 21.44
N PRO B 80 -24.92 -24.08 22.08
CA PRO B 80 -24.98 -23.06 23.14
C PRO B 80 -24.50 -23.54 24.52
N ASN B 81 -23.92 -24.73 24.56
CA ASN B 81 -23.45 -25.27 25.82
C ASN B 81 -21.92 -25.20 25.90
N GLN B 82 -21.33 -24.40 25.01
CA GLN B 82 -19.88 -24.25 24.96
C GLN B 82 -19.53 -22.81 24.66
N ASP B 83 -18.40 -22.35 25.19
CA ASP B 83 -17.95 -21.00 24.92
C ASP B 83 -17.90 -20.87 23.41
N PHE B 84 -18.11 -19.66 22.92
CA PHE B 84 -18.12 -19.44 21.48
C PHE B 84 -16.85 -19.90 20.78
N LEU B 85 -15.73 -19.89 21.51
CA LEU B 85 -14.46 -20.33 20.95
C LEU B 85 -14.54 -21.79 20.53
N ALA B 86 -15.12 -22.62 21.39
CA ALA B 86 -15.27 -24.03 21.12
C ALA B 86 -16.11 -24.26 19.87
N ASN B 87 -17.06 -23.35 19.62
CA ASN B 87 -17.95 -23.43 18.46
C ASN B 87 -17.31 -22.98 17.15
N MSE B 88 -16.47 -21.96 17.22
CA MSE B 88 -15.80 -21.45 16.04
C MSE B 88 -14.85 -22.51 15.54
O MSE B 88 -14.59 -22.60 14.33
CB MSE B 88 -15.03 -20.19 16.38
CG MSE B 88 -15.90 -19.05 16.87
SE MSE B 88 -14.91 -17.41 17.05
CE MSE B 88 -14.50 -17.07 15.21
N LYS B 89 -14.31 -23.29 16.47
CA LYS B 89 -13.38 -24.37 16.15
C LYS B 89 -14.03 -25.34 15.18
N ASN B 90 -15.35 -25.51 15.31
CA ASN B 90 -16.10 -26.39 14.44
C ASN B 90 -16.23 -25.80 13.05
N VAL B 91 -16.42 -24.49 12.98
CA VAL B 91 -16.53 -23.80 11.69
C VAL B 91 -15.17 -23.82 11.01
N SER B 92 -14.12 -23.65 11.79
CA SER B 92 -12.76 -23.68 11.25
C SER B 92 -12.49 -25.06 10.64
N GLN B 93 -12.94 -26.11 11.32
CA GLN B 93 -12.76 -27.47 10.84
C GLN B 93 -13.53 -27.74 9.55
N ARG B 94 -14.82 -27.41 9.56
CA ARG B 94 -15.69 -27.60 8.40
C ARG B 94 -15.14 -26.83 7.21
N LEU B 95 -14.45 -25.74 7.50
CA LEU B 95 -13.86 -24.87 6.46
C LEU B 95 -12.65 -25.51 5.77
N LYS B 96 -11.76 -26.13 6.55
CA LYS B 96 -10.59 -26.76 5.99
C LYS B 96 -11.02 -27.97 5.18
N GLU B 97 -11.92 -28.76 5.79
CA GLU B 97 -12.44 -29.97 5.17
C GLU B 97 -13.09 -29.75 3.80
N LYS B 98 -14.00 -28.77 3.71
CA LYS B 98 -14.69 -28.50 2.46
C LYS B 98 -13.77 -27.97 1.36
N VAL B 99 -12.81 -27.13 1.74
CA VAL B 99 -11.85 -26.57 0.79
C VAL B 99 -10.92 -27.69 0.30
N ARG B 100 -10.35 -28.42 1.25
CA ARG B 100 -9.48 -29.54 0.95
C ARG B 100 -10.21 -30.44 -0.04
N GLU B 101 -11.49 -30.66 0.23
CA GLU B 101 -12.35 -31.49 -0.60
C GLU B 101 -12.62 -30.92 -2.00
N LEU B 102 -12.70 -29.60 -2.10
CA LEU B 102 -12.98 -28.95 -3.37
C LEU B 102 -11.73 -28.79 -4.23
N LEU B 103 -10.57 -28.76 -3.59
CA LEU B 103 -9.32 -28.61 -4.32
C LEU B 103 -8.80 -29.98 -4.73
N GLU B 104 -9.10 -30.97 -3.90
CA GLU B 104 -8.68 -32.35 -4.14
C GLU B 104 -9.64 -32.93 -5.17
N SER B 105 -10.80 -32.29 -5.30
CA SER B 105 -11.80 -32.69 -6.27
C SER B 105 -11.45 -31.98 -7.57
N GLU B 106 -12.21 -30.95 -7.92
CA GLU B 106 -11.97 -30.18 -9.14
C GLU B 106 -10.71 -29.30 -9.07
N ASP B 107 -10.42 -28.62 -10.17
CA ASP B 107 -9.25 -27.75 -10.24
C ASP B 107 -9.69 -26.30 -10.34
N TRP B 108 -8.95 -25.42 -9.67
CA TRP B 108 -9.28 -24.01 -9.66
C TRP B 108 -8.15 -23.14 -10.15
N ASP B 109 -8.50 -21.93 -10.59
CA ASP B 109 -7.52 -20.98 -11.09
C ASP B 109 -7.19 -19.96 -10.01
N LEU B 110 -8.13 -19.73 -9.10
CA LEU B 110 -7.93 -18.77 -8.03
C LEU B 110 -8.85 -19.02 -6.84
N VAL B 111 -8.39 -18.60 -5.68
CA VAL B 111 -9.17 -18.71 -4.46
C VAL B 111 -9.12 -17.35 -3.76
N PHE B 112 -10.27 -16.85 -3.36
CA PHE B 112 -10.36 -15.57 -2.68
C PHE B 112 -11.22 -15.76 -1.45
N MSE B 113 -10.77 -15.21 -0.32
CA MSE B 113 -11.52 -15.35 0.91
C MSE B 113 -11.60 -14.11 1.77
O MSE B 113 -10.68 -13.29 1.80
CB MSE B 113 -10.95 -16.48 1.74
CG MSE B 113 -11.84 -16.79 2.91
SE MSE B 113 -11.06 -17.90 4.22
CE MSE B 113 -11.74 -17.05 5.81
N VAL B 114 -12.71 -14.01 2.48
CA VAL B 114 -12.95 -12.93 3.42
C VAL B 114 -13.58 -13.53 4.69
N GLY B 115 -12.88 -13.39 5.81
CA GLY B 115 -13.36 -13.90 7.07
C GLY B 115 -12.30 -13.64 8.14
N PRO B 116 -12.48 -14.11 9.39
CA PRO B 116 -11.45 -13.85 10.40
C PRO B 116 -10.08 -14.27 9.92
N VAL B 117 -9.07 -13.52 10.35
CA VAL B 117 -7.68 -13.76 9.95
C VAL B 117 -7.15 -15.12 10.42
N GLY B 118 -7.86 -15.74 11.35
CA GLY B 118 -7.45 -17.03 11.85
C GLY B 118 -7.87 -18.16 10.94
N ASP B 119 -8.94 -17.92 10.17
CA ASP B 119 -9.44 -18.90 9.23
C ASP B 119 -8.77 -18.68 7.90
N GLN B 120 -8.37 -17.43 7.63
CA GLN B 120 -7.69 -17.12 6.39
C GLN B 120 -6.34 -17.81 6.39
N LYS B 121 -5.76 -17.94 7.56
CA LYS B 121 -4.48 -18.62 7.69
C LYS B 121 -4.68 -20.11 7.45
N GLN B 122 -5.61 -20.71 8.17
CA GLN B 122 -5.87 -22.15 8.03
C GLN B 122 -6.28 -22.56 6.61
N VAL B 123 -7.00 -21.66 5.95
CA VAL B 123 -7.44 -21.91 4.58
C VAL B 123 -6.28 -21.69 3.62
N PHE B 124 -5.35 -20.82 3.99
CA PHE B 124 -4.19 -20.55 3.14
C PHE B 124 -3.26 -21.77 3.12
N GLU B 125 -3.21 -22.48 4.23
CA GLU B 125 -2.38 -23.67 4.34
C GLU B 125 -2.87 -24.75 3.37
N VAL B 126 -4.18 -24.89 3.26
CA VAL B 126 -4.79 -25.86 2.38
C VAL B 126 -4.56 -25.49 0.92
N VAL B 127 -4.55 -24.18 0.65
CA VAL B 127 -4.38 -23.71 -0.71
C VAL B 127 -2.93 -23.78 -1.20
N LYS B 128 -1.99 -23.39 -0.36
CA LYS B 128 -0.58 -23.43 -0.75
C LYS B 128 -0.22 -24.90 -1.00
N GLU B 129 -1.05 -25.78 -0.46
CA GLU B 129 -0.87 -27.22 -0.58
C GLU B 129 -1.09 -27.72 -2.01
N TYR B 130 -2.02 -27.07 -2.72
CA TYR B 130 -2.37 -27.47 -4.09
C TYR B 130 -1.83 -26.63 -5.23
N GLY B 131 -1.08 -25.57 -4.91
CA GLY B 131 -0.52 -24.72 -5.95
C GLY B 131 -1.49 -23.74 -6.58
N VAL B 132 -2.59 -23.46 -5.87
CA VAL B 132 -3.61 -22.51 -6.34
C VAL B 132 -3.34 -21.11 -5.75
N PRO B 133 -3.28 -20.08 -6.60
CA PRO B 133 -3.03 -18.70 -6.13
C PRO B 133 -4.16 -18.16 -5.26
N MSE B 134 -3.83 -17.34 -4.27
CA MSE B 134 -4.85 -16.80 -3.38
C MSE B 134 -4.85 -15.27 -3.19
O MSE B 134 -3.83 -14.61 -3.38
CB MSE B 134 -4.73 -17.48 -2.00
CG MSE B 134 -5.98 -17.33 -1.13
SE MSE B 134 -5.79 -18.00 0.69
CE MSE B 134 -6.30 -16.38 1.67
N LEU B 135 -6.01 -14.75 -2.79
CA LEU B 135 -6.25 -13.32 -2.51
C LEU B 135 -7.04 -13.20 -1.19
N GLU B 136 -6.50 -12.49 -0.21
CA GLU B 136 -7.17 -12.33 1.09
C GLU B 136 -7.62 -10.88 1.33
N HIS B 137 -8.77 -10.73 1.97
CA HIS B 137 -9.28 -9.39 2.29
C HIS B 137 -8.27 -8.70 3.27
N GLY C 7 2.51 -11.78 -10.64
CA GLY C 7 2.32 -11.05 -11.93
C GLY C 7 1.42 -9.83 -11.80
N PRO C 8 1.46 -8.91 -12.79
CA PRO C 8 0.65 -7.69 -12.82
C PRO C 8 -0.81 -7.99 -13.11
N LEU C 9 -1.70 -7.34 -12.38
CA LEU C 9 -3.13 -7.53 -12.55
C LEU C 9 -3.82 -6.19 -12.76
N GLY C 10 -5.12 -6.25 -13.05
CA GLY C 10 -5.88 -5.05 -13.27
C GLY C 10 -5.96 -4.25 -12.00
N THR C 11 -6.22 -2.95 -12.12
CA THR C 11 -6.34 -2.09 -10.95
C THR C 11 -7.36 -2.64 -9.95
N PRO C 12 -6.90 -3.02 -8.75
CA PRO C 12 -7.82 -3.54 -7.74
C PRO C 12 -8.81 -2.45 -7.35
N VAL C 13 -10.10 -2.76 -7.48
CA VAL C 13 -11.12 -1.77 -7.18
C VAL C 13 -12.21 -2.38 -6.30
N PRO C 14 -12.87 -1.56 -5.46
CA PRO C 14 -13.94 -2.02 -4.57
C PRO C 14 -15.28 -2.16 -5.28
N MSE C 15 -15.97 -3.26 -5.01
CA MSE C 15 -17.26 -3.51 -5.63
C MSE C 15 -18.46 -3.05 -4.79
O MSE C 15 -19.09 -3.85 -4.10
CB MSE C 15 -17.39 -5.01 -5.93
CG MSE C 15 -16.56 -5.48 -7.11
SE MSE C 15 -17.13 -4.68 -8.75
CE MSE C 15 -15.47 -3.77 -9.33
N GLU C 16 -18.77 -1.75 -4.84
CA GLU C 16 -19.87 -1.22 -4.07
C GLU C 16 -20.80 -0.37 -4.91
N LYS C 17 -21.92 0.02 -4.32
CA LYS C 17 -22.87 0.88 -5.01
C LYS C 17 -22.53 2.28 -4.61
N PHE C 18 -21.86 3.01 -5.49
CA PHE C 18 -21.51 4.39 -5.20
C PHE C 18 -22.61 5.27 -5.80
N GLY C 19 -23.39 4.68 -6.70
CA GLY C 19 -24.46 5.41 -7.34
C GLY C 19 -24.15 5.62 -8.81
N LYS C 20 -23.94 6.87 -9.19
CA LYS C 20 -23.64 7.23 -10.57
C LYS C 20 -22.14 7.39 -10.72
N ILE C 21 -21.54 6.56 -11.56
CA ILE C 21 -20.10 6.58 -11.77
C ILE C 21 -19.64 7.01 -13.17
N LEU C 22 -18.63 7.86 -13.20
CA LEU C 22 -18.07 8.29 -14.47
C LEU C 22 -16.74 7.57 -14.62
N ALA C 23 -16.71 6.50 -15.40
CA ALA C 23 -15.48 5.74 -15.60
C ALA C 23 -14.80 6.20 -16.89
N ILE C 24 -13.64 6.84 -16.73
CA ILE C 24 -12.88 7.38 -17.86
C ILE C 24 -11.68 6.54 -18.29
N GLY C 25 -11.50 6.44 -19.60
CA GLY C 25 -10.39 5.66 -20.12
C GLY C 25 -9.72 6.46 -21.23
N ALA C 26 -8.48 6.86 -21.03
CA ALA C 26 -7.77 7.63 -22.02
C ALA C 26 -6.91 6.68 -22.86
N TYR C 27 -6.93 6.88 -24.17
CA TYR C 27 -6.15 6.04 -25.09
C TYR C 27 -6.50 4.57 -24.87
N THR C 28 -5.49 3.71 -24.73
CA THR C 28 -5.74 2.28 -24.52
C THR C 28 -6.17 1.98 -23.09
N GLY C 29 -6.21 3.02 -22.27
CA GLY C 29 -6.64 2.84 -20.91
C GLY C 29 -8.06 2.33 -20.83
N ILE C 30 -8.83 2.49 -21.91
CA ILE C 30 -10.22 2.03 -21.94
C ILE C 30 -10.36 0.50 -21.84
N VAL C 31 -9.35 -0.21 -22.32
CA VAL C 31 -9.34 -1.68 -22.28
C VAL C 31 -9.47 -2.18 -20.83
N GLU C 32 -8.75 -1.51 -19.94
CA GLU C 32 -8.75 -1.87 -18.53
C GLU C 32 -10.02 -1.42 -17.81
N VAL C 33 -10.50 -0.22 -18.09
CA VAL C 33 -11.71 0.25 -17.43
C VAL C 33 -12.92 -0.57 -17.87
N TYR C 34 -12.87 -1.12 -19.07
CA TYR C 34 -14.00 -1.91 -19.54
C TYR C 34 -14.51 -2.95 -18.53
N PRO C 35 -13.70 -3.99 -18.24
CA PRO C 35 -14.18 -4.99 -17.26
C PRO C 35 -14.57 -4.40 -15.89
N ILE C 36 -13.97 -3.26 -15.55
CA ILE C 36 -14.28 -2.61 -14.28
C ILE C 36 -15.67 -1.96 -14.31
N ALA C 37 -15.94 -1.19 -15.36
CA ALA C 37 -17.22 -0.50 -15.53
C ALA C 37 -18.36 -1.47 -15.73
N LYS C 38 -18.06 -2.59 -16.39
CA LYS C 38 -19.06 -3.60 -16.65
C LYS C 38 -19.56 -4.18 -15.34
N ALA C 39 -18.61 -4.48 -14.45
CA ALA C 39 -18.94 -5.05 -13.15
C ALA C 39 -19.65 -4.06 -12.23
N TRP C 40 -19.32 -2.77 -12.34
CA TRP C 40 -19.97 -1.78 -11.49
C TRP C 40 -21.42 -1.60 -11.87
N GLN C 41 -21.71 -1.70 -13.16
CA GLN C 41 -23.07 -1.57 -13.65
C GLN C 41 -23.91 -2.72 -13.10
N GLU C 42 -23.37 -3.94 -13.23
CA GLU C 42 -24.05 -5.14 -12.76
C GLU C 42 -24.32 -5.11 -11.24
N ILE C 43 -23.43 -4.45 -10.51
CA ILE C 43 -23.54 -4.34 -9.06
C ILE C 43 -24.59 -3.31 -8.63
N GLY C 44 -25.10 -2.54 -9.58
CA GLY C 44 -26.11 -1.56 -9.26
C GLY C 44 -25.70 -0.10 -9.39
N ASN C 45 -24.61 0.14 -10.12
CA ASN C 45 -24.10 1.50 -10.32
C ASN C 45 -24.48 2.02 -11.69
N ASP C 46 -24.80 3.30 -11.77
CA ASP C 46 -25.16 3.94 -13.03
C ASP C 46 -23.86 4.48 -13.61
N VAL C 47 -23.08 3.61 -14.22
CA VAL C 47 -21.82 4.05 -14.77
C VAL C 47 -21.91 4.46 -16.23
N THR C 48 -21.30 5.59 -16.54
CA THR C 48 -21.28 6.09 -17.90
C THR C 48 -19.79 6.21 -18.17
N THR C 49 -19.32 5.54 -19.22
CA THR C 49 -17.91 5.57 -19.56
C THR C 49 -17.56 6.60 -20.61
N LEU C 50 -16.35 7.12 -20.51
CA LEU C 50 -15.86 8.11 -21.46
C LEU C 50 -14.52 7.67 -22.01
N HIS C 51 -14.43 7.54 -23.31
CA HIS C 51 -13.18 7.14 -23.95
C HIS C 51 -12.67 8.30 -24.78
N VAL C 52 -11.55 8.89 -24.40
CA VAL C 52 -10.97 9.98 -25.16
C VAL C 52 -9.67 9.45 -25.75
N THR C 53 -9.61 9.44 -27.08
CA THR C 53 -8.44 8.94 -27.81
C THR C 53 -8.44 9.49 -29.24
N PHE C 54 -7.50 9.05 -30.06
CA PHE C 54 -7.45 9.52 -31.44
C PHE C 54 -8.42 8.73 -32.31
N GLU C 55 -8.93 9.38 -33.36
CA GLU C 55 -9.88 8.73 -34.25
C GLU C 55 -9.57 7.28 -34.62
N PRO C 56 -8.31 7.00 -35.00
CA PRO C 56 -7.92 5.64 -35.38
C PRO C 56 -7.63 4.69 -34.22
N MSE C 57 -8.11 5.03 -33.03
CA MSE C 57 -7.84 4.20 -31.86
C MSE C 57 -9.02 3.82 -30.96
O MSE C 57 -8.80 3.24 -29.90
CB MSE C 57 -6.78 4.87 -31.00
CG MSE C 57 -5.44 4.98 -31.65
SE MSE C 57 -4.22 5.84 -30.44
CE MSE C 57 -4.44 4.68 -28.89
N VAL C 58 -10.24 4.15 -31.35
CA VAL C 58 -11.35 3.77 -30.50
C VAL C 58 -11.50 2.25 -30.55
N ILE C 59 -11.82 1.67 -29.39
CA ILE C 59 -11.98 0.24 -29.27
C ILE C 59 -13.04 -0.06 -28.20
N LEU C 60 -13.62 -1.26 -28.27
CA LEU C 60 -14.64 -1.69 -27.31
C LEU C 60 -15.91 -0.85 -27.27
N LYS C 61 -16.07 0.08 -28.21
CA LYS C 61 -17.24 0.95 -28.27
C LYS C 61 -18.57 0.19 -28.16
N GLU C 62 -18.73 -0.80 -29.02
CA GLU C 62 -19.94 -1.65 -29.06
C GLU C 62 -20.14 -2.36 -27.71
N GLU C 63 -19.08 -3.01 -27.25
CA GLU C 63 -19.06 -3.78 -26.01
C GLU C 63 -19.51 -3.05 -24.75
N LEU C 64 -19.01 -1.83 -24.52
CA LEU C 64 -19.38 -1.11 -23.31
C LEU C 64 -20.61 -0.21 -23.40
N GLU C 65 -21.21 -0.12 -24.58
CA GLU C 65 -22.42 0.68 -24.71
C GLU C 65 -23.51 -0.26 -24.19
N LYS C 66 -23.23 -1.56 -24.32
CA LYS C 66 -24.12 -2.64 -23.90
C LYS C 66 -23.92 -3.01 -22.43
N ALA C 67 -22.79 -2.60 -21.85
CA ALA C 67 -22.47 -2.89 -20.46
C ALA C 67 -22.74 -1.75 -19.48
N VAL C 68 -22.73 -0.51 -19.94
CA VAL C 68 -22.99 0.64 -19.08
C VAL C 68 -24.25 1.38 -19.51
N THR C 69 -24.75 2.27 -18.66
CA THR C 69 -25.97 2.99 -19.01
C THR C 69 -25.67 3.84 -20.23
N ARG C 70 -24.50 4.49 -20.23
CA ARG C 70 -24.09 5.34 -21.35
C ARG C 70 -22.58 5.36 -21.61
N HIS C 71 -22.20 5.16 -22.86
CA HIS C 71 -20.80 5.19 -23.23
C HIS C 71 -20.50 6.35 -24.18
N ILE C 72 -19.56 7.21 -23.82
CA ILE C 72 -19.19 8.35 -24.65
C ILE C 72 -17.81 8.18 -25.28
N VAL C 73 -17.71 8.50 -26.56
CA VAL C 73 -16.44 8.40 -27.28
C VAL C 73 -16.14 9.77 -27.90
N GLU C 74 -14.94 10.29 -27.62
CA GLU C 74 -14.51 11.58 -28.15
C GLU C 74 -13.26 11.35 -28.97
N PRO C 75 -13.41 11.08 -30.29
CA PRO C 75 -12.29 10.84 -31.19
C PRO C 75 -11.61 12.12 -31.65
N VAL C 76 -10.37 12.31 -31.22
CA VAL C 76 -9.59 13.48 -31.59
C VAL C 76 -8.78 13.11 -32.84
N PRO C 77 -8.79 14.00 -33.85
CA PRO C 77 -8.07 13.79 -35.10
C PRO C 77 -6.55 13.72 -34.92
N LEU C 78 -5.93 12.66 -35.42
CA LEU C 78 -4.48 12.50 -35.31
C LEU C 78 -3.74 13.22 -36.43
N ASN C 79 -3.32 14.46 -36.16
CA ASN C 79 -2.59 15.26 -37.13
C ASN C 79 -1.14 14.75 -37.25
N PRO C 80 -0.80 14.07 -38.36
CA PRO C 80 0.53 13.52 -38.60
C PRO C 80 1.59 14.55 -39.02
N ASN C 81 1.25 15.84 -38.94
CA ASN C 81 2.17 16.89 -39.33
C ASN C 81 2.74 17.59 -38.11
N GLN C 82 2.58 16.97 -36.95
CA GLN C 82 3.08 17.51 -35.69
C GLN C 82 3.62 16.39 -34.82
N ASP C 83 4.63 16.71 -34.02
CA ASP C 83 5.20 15.71 -33.14
C ASP C 83 4.03 15.20 -32.32
N PHE C 84 4.13 13.95 -31.86
CA PHE C 84 3.05 13.34 -31.11
C PHE C 84 2.65 14.15 -29.88
N LEU C 85 3.61 14.87 -29.29
CA LEU C 85 3.34 15.68 -28.13
C LEU C 85 2.25 16.74 -28.42
N ALA C 86 2.39 17.40 -29.56
CA ALA C 86 1.45 18.42 -29.97
C ALA C 86 0.05 17.82 -30.12
N ASN C 87 -0.03 16.56 -30.51
CA ASN C 87 -1.31 15.86 -30.69
C ASN C 87 -1.95 15.41 -29.37
N MSE C 88 -1.13 15.00 -28.42
CA MSE C 88 -1.64 14.55 -27.14
C MSE C 88 -2.26 15.73 -26.43
O MSE C 88 -3.22 15.58 -25.67
CB MSE C 88 -0.53 13.97 -26.30
CG MSE C 88 0.13 12.77 -26.92
SE MSE C 88 1.39 12.03 -25.71
CE MSE C 88 0.17 11.27 -24.41
N LYS C 89 -1.71 16.90 -26.70
CA LYS C 89 -2.17 18.14 -26.11
C LYS C 89 -3.65 18.34 -26.45
N ASN C 90 -4.03 17.90 -27.65
CA ASN C 90 -5.42 18.02 -28.12
C ASN C 90 -6.32 17.07 -27.38
N VAL C 91 -5.81 15.86 -27.10
CA VAL C 91 -6.58 14.87 -26.37
C VAL C 91 -6.74 15.34 -24.94
N SER C 92 -5.67 15.91 -24.38
CA SER C 92 -5.71 16.42 -23.02
C SER C 92 -6.77 17.52 -22.91
N GLN C 93 -6.87 18.36 -23.94
CA GLN C 93 -7.85 19.47 -23.98
C GLN C 93 -9.27 18.94 -24.06
N ARG C 94 -9.50 18.03 -25.02
CA ARG C 94 -10.81 17.42 -25.21
C ARG C 94 -11.28 16.69 -23.94
N LEU C 95 -10.30 16.21 -23.17
CA LEU C 95 -10.55 15.48 -21.92
C LEU C 95 -11.04 16.38 -20.78
N LYS C 96 -10.42 17.55 -20.63
CA LYS C 96 -10.81 18.50 -19.59
C LYS C 96 -12.19 19.06 -19.94
N GLU C 97 -12.35 19.46 -21.21
CA GLU C 97 -13.59 20.02 -21.70
C GLU C 97 -14.81 19.13 -21.50
N LYS C 98 -14.72 17.87 -21.91
CA LYS C 98 -15.83 16.94 -21.77
C LYS C 98 -16.20 16.64 -20.31
N VAL C 99 -15.17 16.50 -19.46
CA VAL C 99 -15.37 16.22 -18.04
C VAL C 99 -15.99 17.44 -17.39
N ARG C 100 -15.40 18.60 -17.61
CA ARG C 100 -15.91 19.84 -17.07
C ARG C 100 -17.37 19.94 -17.46
N GLU C 101 -17.66 19.59 -18.71
CA GLU C 101 -19.00 19.63 -19.26
C GLU C 101 -19.96 18.63 -18.62
N LEU C 102 -19.45 17.45 -18.26
CA LEU C 102 -20.29 16.41 -17.65
C LEU C 102 -20.54 16.62 -16.17
N LEU C 103 -19.64 17.34 -15.50
CA LEU C 103 -19.76 17.61 -14.08
C LEU C 103 -20.56 18.88 -13.87
N GLU C 104 -20.46 19.79 -14.83
CA GLU C 104 -21.18 21.07 -14.79
C GLU C 104 -22.61 20.78 -15.24
N SER C 105 -22.78 19.67 -15.95
CA SER C 105 -24.08 19.23 -16.42
C SER C 105 -24.70 18.44 -15.27
N GLU C 106 -24.73 17.12 -15.40
CA GLU C 106 -25.29 16.24 -14.40
C GLU C 106 -24.44 16.13 -13.13
N ASP C 107 -24.92 15.38 -12.15
CA ASP C 107 -24.19 15.21 -10.89
C ASP C 107 -23.72 13.77 -10.77
N TRP C 108 -22.53 13.59 -10.22
CA TRP C 108 -21.95 12.26 -10.07
C TRP C 108 -21.57 11.93 -8.65
N ASP C 109 -21.50 10.64 -8.35
CA ASP C 109 -21.15 10.17 -7.03
C ASP C 109 -19.67 9.81 -6.98
N LEU C 110 -19.12 9.42 -8.12
CA LEU C 110 -17.72 9.03 -8.17
C LEU C 110 -17.14 9.14 -9.58
N VAL C 111 -15.83 9.37 -9.66
CA VAL C 111 -15.15 9.44 -10.94
C VAL C 111 -13.92 8.56 -10.83
N PHE C 112 -13.73 7.69 -11.80
CA PHE C 112 -12.59 6.79 -11.82
C PHE C 112 -11.92 6.90 -13.18
N MSE C 113 -10.60 6.99 -13.18
CA MSE C 113 -9.89 7.11 -14.43
C MSE C 113 -8.61 6.30 -14.55
O MSE C 113 -7.89 6.08 -13.57
CB MSE C 113 -9.55 8.56 -14.70
CG MSE C 113 -9.03 8.76 -16.11
SE MSE C 113 -8.24 10.42 -16.38
CE MSE C 113 -6.75 9.86 -17.51
N VAL C 114 -8.33 5.88 -15.78
CA VAL C 114 -7.12 5.14 -16.10
C VAL C 114 -6.57 5.70 -17.42
N GLY C 115 -5.37 6.28 -17.33
CA GLY C 115 -4.73 6.87 -18.50
C GLY C 115 -3.39 7.46 -18.08
N PRO C 116 -2.63 8.11 -18.99
CA PRO C 116 -1.35 8.67 -18.56
C PRO C 116 -1.49 9.54 -17.32
N VAL C 117 -0.46 9.53 -16.49
CA VAL C 117 -0.46 10.28 -15.23
C VAL C 117 -0.54 11.79 -15.44
N GLY C 118 -0.29 12.22 -16.67
CA GLY C 118 -0.36 13.64 -16.97
C GLY C 118 -1.80 14.11 -17.19
N ASP C 119 -2.64 13.18 -17.63
CA ASP C 119 -4.05 13.46 -17.87
C ASP C 119 -4.84 13.21 -16.59
N GLN C 120 -4.33 12.30 -15.77
CA GLN C 120 -4.97 12.00 -14.51
C GLN C 120 -4.90 13.23 -13.62
N LYS C 121 -3.80 13.96 -13.74
CA LYS C 121 -3.62 15.18 -12.97
C LYS C 121 -4.58 16.26 -13.44
N GLN C 122 -4.58 16.50 -14.76
CA GLN C 122 -5.45 17.51 -15.37
C GLN C 122 -6.92 17.23 -15.14
N VAL C 123 -7.28 15.96 -15.13
CA VAL C 123 -8.66 15.54 -14.89
C VAL C 123 -9.01 15.65 -13.40
N PHE C 124 -8.01 15.48 -12.54
CA PHE C 124 -8.20 15.58 -11.09
C PHE C 124 -8.51 17.03 -10.69
N GLU C 125 -7.89 17.97 -11.39
CA GLU C 125 -8.10 19.40 -11.12
C GLU C 125 -9.56 19.77 -11.37
N VAL C 126 -10.14 19.20 -12.43
CA VAL C 126 -11.53 19.46 -12.81
C VAL C 126 -12.48 18.83 -11.80
N VAL C 127 -12.10 17.68 -11.28
CA VAL C 127 -12.92 16.96 -10.32
C VAL C 127 -12.90 17.58 -8.92
N LYS C 128 -11.73 17.95 -8.43
CA LYS C 128 -11.62 18.55 -7.10
C LYS C 128 -12.40 19.85 -7.11
N GLU C 129 -12.62 20.36 -8.32
CA GLU C 129 -13.35 21.61 -8.56
C GLU C 129 -14.84 21.50 -8.20
N TYR C 130 -15.42 20.32 -8.41
CA TYR C 130 -16.84 20.10 -8.16
C TYR C 130 -17.21 19.32 -6.90
N GLY C 131 -16.22 18.87 -6.13
CA GLY C 131 -16.50 18.13 -4.92
C GLY C 131 -16.85 16.68 -5.14
N VAL C 132 -16.48 16.12 -6.29
CA VAL C 132 -16.74 14.70 -6.59
C VAL C 132 -15.50 13.85 -6.24
N PRO C 133 -15.69 12.78 -5.46
CA PRO C 133 -14.58 11.90 -5.08
C PRO C 133 -13.98 11.16 -6.25
N MSE C 134 -12.66 10.93 -6.22
CA MSE C 134 -11.99 10.26 -7.32
C MSE C 134 -11.15 9.06 -6.92
O MSE C 134 -10.65 8.98 -5.80
CB MSE C 134 -11.14 11.27 -8.10
CG MSE C 134 -10.75 10.81 -9.51
SE MSE C 134 -9.52 11.98 -10.47
CE MSE C 134 -8.10 10.71 -10.87
N LEU C 135 -11.03 8.12 -7.83
CA LEU C 135 -10.26 6.90 -7.63
C LEU C 135 -9.28 6.87 -8.81
N GLU C 136 -8.01 6.64 -8.51
CA GLU C 136 -7.00 6.63 -9.58
C GLU C 136 -6.83 5.24 -10.21
N GLY D 7 -2.99 14.54 -5.04
CA GLY D 7 -3.30 14.38 -6.50
C GLY D 7 -2.51 13.24 -7.14
N PRO D 8 -2.94 12.73 -8.31
CA PRO D 8 -2.18 11.65 -8.94
C PRO D 8 -0.78 12.10 -9.32
N LEU D 9 0.20 11.25 -9.01
CA LEU D 9 1.58 11.55 -9.32
C LEU D 9 2.22 10.41 -10.12
N GLY D 10 3.44 10.64 -10.59
CA GLY D 10 4.13 9.62 -11.34
C GLY D 10 4.40 8.40 -10.47
N THR D 11 4.62 7.25 -11.10
CA THR D 11 4.90 6.03 -10.38
C THR D 11 6.08 6.23 -9.42
N PRO D 12 5.84 6.11 -8.11
CA PRO D 12 6.91 6.27 -7.12
C PRO D 12 7.92 5.16 -7.33
N VAL D 13 9.17 5.54 -7.51
CA VAL D 13 10.21 4.56 -7.76
C VAL D 13 11.45 4.85 -6.90
N PRO D 14 12.21 3.80 -6.51
CA PRO D 14 13.41 3.94 -5.69
C PRO D 14 14.64 4.38 -6.51
N MSE D 15 15.39 5.32 -5.97
CA MSE D 15 16.56 5.84 -6.64
C MSE D 15 17.86 5.17 -6.21
O MSE D 15 18.61 5.72 -5.40
CB MSE D 15 16.66 7.35 -6.40
CG MSE D 15 15.68 8.17 -7.23
SE MSE D 15 15.95 7.95 -9.19
CE MSE D 15 14.20 7.33 -9.67
N GLU D 16 18.13 3.99 -6.78
CA GLU D 16 19.35 3.26 -6.44
C GLU D 16 20.10 2.83 -7.68
N LYS D 17 21.30 2.29 -7.45
CA LYS D 17 22.12 1.79 -8.56
C LYS D 17 21.81 0.31 -8.66
N PHE D 18 21.00 -0.05 -9.64
CA PHE D 18 20.65 -1.44 -9.85
C PHE D 18 21.62 -2.00 -10.87
N GLY D 19 22.28 -1.09 -11.59
CA GLY D 19 23.23 -1.50 -12.61
C GLY D 19 22.69 -1.18 -13.99
N LYS D 20 22.41 -2.22 -14.77
CA LYS D 20 21.90 -2.05 -16.11
C LYS D 20 20.38 -2.21 -16.08
N ILE D 21 19.68 -1.15 -16.45
CA ILE D 21 18.23 -1.15 -16.43
C ILE D 21 17.56 -1.04 -17.81
N LEU D 22 16.53 -1.85 -18.00
CA LEU D 22 15.77 -1.81 -19.23
C LEU D 22 14.44 -1.16 -18.88
N ALA D 23 14.30 0.13 -19.18
CA ALA D 23 13.07 0.88 -18.92
C ALA D 23 12.19 0.89 -20.19
N ILE D 24 11.05 0.21 -20.11
CA ILE D 24 10.12 0.08 -21.21
C ILE D 24 8.88 0.97 -21.12
N GLY D 25 8.48 1.55 -22.24
CA GLY D 25 7.33 2.41 -22.26
C GLY D 25 6.48 2.07 -23.48
N ALA D 26 5.29 1.56 -23.26
CA ALA D 26 4.40 1.20 -24.35
C ALA D 26 3.45 2.34 -24.63
N TYR D 27 3.27 2.65 -25.92
CA TYR D 27 2.37 3.72 -26.32
C TYR D 27 2.78 5.02 -25.62
N THR D 28 1.82 5.72 -25.02
CA THR D 28 2.14 6.99 -24.34
C THR D 28 2.79 6.76 -22.99
N GLY D 29 2.94 5.49 -22.63
CA GLY D 29 3.56 5.16 -21.37
C GLY D 29 4.98 5.68 -21.32
N ILE D 30 5.57 5.96 -22.48
CA ILE D 30 6.95 6.45 -22.54
C ILE D 30 7.13 7.83 -21.92
N VAL D 31 6.07 8.64 -21.94
CA VAL D 31 6.11 9.98 -21.37
C VAL D 31 6.47 9.91 -19.89
N GLU D 32 5.88 8.94 -19.19
CA GLU D 32 6.10 8.75 -17.77
C GLU D 32 7.45 8.10 -17.44
N VAL D 33 7.87 7.11 -18.22
CA VAL D 33 9.15 6.49 -17.97
C VAL D 33 10.29 7.45 -18.27
N TYR D 34 10.07 8.43 -19.15
CA TYR D 34 11.12 9.37 -19.49
C TYR D 34 11.80 9.97 -18.25
N PRO D 35 11.07 10.80 -17.47
CA PRO D 35 11.71 11.37 -16.27
C PRO D 35 12.30 10.35 -15.29
N ILE D 36 11.77 9.13 -15.33
CA ILE D 36 12.26 8.08 -14.44
C ILE D 36 13.60 7.54 -14.90
N ALA D 37 13.69 7.23 -16.20
CA ALA D 37 14.91 6.71 -16.81
C ALA D 37 16.02 7.75 -16.82
N LYS D 38 15.65 9.00 -16.95
CA LYS D 38 16.61 10.09 -16.97
C LYS D 38 17.33 10.18 -15.62
N ALA D 39 16.55 10.11 -14.54
CA ALA D 39 17.07 10.15 -13.18
C ALA D 39 17.87 8.91 -12.79
N TRP D 40 17.53 7.75 -13.36
CA TRP D 40 18.26 6.53 -13.05
C TRP D 40 19.63 6.55 -13.69
N GLN D 41 19.73 7.14 -14.88
CA GLN D 41 21.00 7.24 -15.59
C GLN D 41 21.94 8.14 -14.78
N GLU D 42 21.44 9.30 -14.37
CA GLU D 42 22.21 10.27 -13.60
C GLU D 42 22.69 9.70 -12.27
N ILE D 43 21.91 8.78 -11.69
CA ILE D 43 22.25 8.15 -10.42
C ILE D 43 23.32 7.06 -10.58
N GLY D 44 23.68 6.73 -11.81
CA GLY D 44 24.71 5.73 -12.02
C GLY D 44 24.25 4.43 -12.62
N ASN D 45 23.06 4.43 -13.20
CA ASN D 45 22.49 3.22 -13.82
C ASN D 45 22.64 3.27 -15.33
N ASP D 46 22.91 2.11 -15.93
CA ASP D 46 23.05 1.99 -17.38
C ASP D 46 21.68 1.64 -17.91
N VAL D 47 20.82 2.65 -18.03
CA VAL D 47 19.48 2.42 -18.51
C VAL D 47 19.35 2.58 -20.02
N THR D 48 18.67 1.61 -20.62
CA THR D 48 18.42 1.63 -22.05
C THR D 48 16.91 1.58 -22.12
N THR D 49 16.30 2.58 -22.76
CA THR D 49 14.85 2.61 -22.85
C THR D 49 14.32 2.03 -24.16
N LEU D 50 13.13 1.47 -24.09
CA LEU D 50 12.51 0.88 -25.26
C LEU D 50 11.12 1.46 -25.37
N HIS D 51 10.80 2.01 -26.53
CA HIS D 51 9.47 2.56 -26.75
C HIS D 51 8.80 1.80 -27.87
N VAL D 52 7.75 1.05 -27.55
CA VAL D 52 7.02 0.28 -28.56
C VAL D 52 5.65 0.95 -28.73
N THR D 53 5.39 1.42 -29.94
CA THR D 53 4.13 2.11 -30.23
C THR D 53 3.93 2.12 -31.74
N PHE D 54 2.89 2.81 -32.20
CA PHE D 54 2.60 2.88 -33.63
C PHE D 54 3.40 3.97 -34.28
N GLU D 55 3.74 3.79 -35.56
CA GLU D 55 4.55 4.76 -36.30
C GLU D 55 4.21 6.22 -36.05
N PRO D 56 2.92 6.57 -36.09
CA PRO D 56 2.50 7.97 -35.87
C PRO D 56 2.40 8.39 -34.39
N MSE D 57 3.07 7.66 -33.51
CA MSE D 57 3.00 7.99 -32.09
C MSE D 57 4.29 8.06 -31.30
O MSE D 57 4.27 8.19 -30.07
CB MSE D 57 2.09 7.00 -31.38
CG MSE D 57 0.64 7.07 -31.81
SE MSE D 57 -0.36 5.74 -30.83
CE MSE D 57 0.13 6.28 -29.03
N VAL D 58 5.44 7.97 -31.97
CA VAL D 58 6.69 8.04 -31.25
C VAL D 58 6.86 9.48 -30.74
N ILE D 59 7.38 9.60 -29.52
CA ILE D 59 7.58 10.90 -28.89
C ILE D 59 8.80 10.82 -27.98
N LEU D 60 9.39 11.97 -27.69
CA LEU D 60 10.55 12.05 -26.80
C LEU D 60 11.80 11.32 -27.26
N LYS D 61 11.76 10.79 -28.48
CA LYS D 61 12.91 10.07 -29.03
C LYS D 61 14.25 10.79 -28.83
N GLU D 62 14.31 12.04 -29.28
CA GLU D 62 15.51 12.88 -29.20
C GLU D 62 15.94 13.06 -27.73
N GLU D 63 14.98 13.44 -26.91
CA GLU D 63 15.16 13.69 -25.49
C GLU D 63 15.77 12.57 -24.65
N LEU D 64 15.30 11.33 -24.84
CA LEU D 64 15.84 10.24 -24.03
C LEU D 64 17.02 9.49 -24.64
N GLU D 65 17.44 9.88 -25.84
CA GLU D 65 18.62 9.24 -26.46
C GLU D 65 19.78 9.98 -25.82
N LYS D 66 19.49 11.21 -25.40
CA LYS D 66 20.46 12.07 -24.77
C LYS D 66 20.50 11.86 -23.25
N ALA D 67 19.48 11.20 -22.71
CA ALA D 67 19.38 10.97 -21.27
C ALA D 67 19.79 9.55 -20.80
N VAL D 68 19.68 8.57 -21.71
CA VAL D 68 20.03 7.19 -21.37
C VAL D 68 21.21 6.72 -22.21
N THR D 69 21.81 5.61 -21.84
CA THR D 69 22.93 5.11 -22.61
C THR D 69 22.42 4.78 -24.01
N ARG D 70 21.27 4.11 -24.07
CA ARG D 70 20.68 3.71 -25.36
C ARG D 70 19.15 3.74 -25.39
N HIS D 71 18.58 4.37 -26.41
CA HIS D 71 17.14 4.43 -26.55
C HIS D 71 16.69 3.70 -27.80
N ILE D 72 15.78 2.73 -27.63
CA ILE D 72 15.25 1.95 -28.75
C ILE D 72 13.79 2.28 -29.04
N VAL D 73 13.48 2.46 -30.32
CA VAL D 73 12.12 2.75 -30.76
C VAL D 73 11.70 1.71 -31.80
N GLU D 74 10.59 1.05 -31.53
CA GLU D 74 10.02 0.03 -32.42
C GLU D 74 8.65 0.51 -32.91
N PRO D 75 8.61 1.24 -34.05
CA PRO D 75 7.37 1.76 -34.60
C PRO D 75 6.61 0.70 -35.40
N VAL D 76 5.45 0.33 -34.90
CA VAL D 76 4.61 -0.66 -35.56
C VAL D 76 3.62 0.11 -36.43
N PRO D 77 3.45 -0.33 -37.70
CA PRO D 77 2.53 0.31 -38.65
C PRO D 77 1.07 0.23 -38.23
N LEU D 78 0.40 1.37 -38.20
CA LEU D 78 -1.00 1.42 -37.81
C LEU D 78 -1.92 1.12 -38.98
N ASN D 79 -2.31 -0.16 -39.12
CA ASN D 79 -3.21 -0.59 -40.20
C ASN D 79 -4.67 -0.12 -39.91
N PRO D 80 -5.16 0.90 -40.67
CA PRO D 80 -6.50 1.45 -40.49
C PRO D 80 -7.62 0.60 -41.09
N ASN D 81 -7.29 -0.60 -41.53
CA ASN D 81 -8.28 -1.49 -42.14
C ASN D 81 -8.64 -2.60 -41.19
N GLN D 82 -8.34 -2.40 -39.91
CA GLN D 82 -8.65 -3.38 -38.88
C GLN D 82 -9.03 -2.69 -37.59
N ASP D 83 -9.88 -3.32 -36.81
CA ASP D 83 -10.29 -2.77 -35.54
C ASP D 83 -8.98 -2.53 -34.77
N PHE D 84 -8.99 -1.54 -33.89
CA PHE D 84 -7.80 -1.23 -33.14
C PHE D 84 -7.23 -2.39 -32.36
N LEU D 85 -8.09 -3.32 -31.97
CA LEU D 85 -7.68 -4.50 -31.22
C LEU D 85 -6.67 -5.32 -32.04
N ALA D 86 -6.99 -5.53 -33.31
CA ALA D 86 -6.13 -6.29 -34.22
C ALA D 86 -4.77 -5.63 -34.35
N ASN D 87 -4.73 -4.30 -34.24
CA ASN D 87 -3.49 -3.53 -34.34
C ASN D 87 -2.64 -3.56 -33.08
N MSE D 88 -3.30 -3.58 -31.92
CA MSE D 88 -2.58 -3.61 -30.66
C MSE D 88 -1.87 -4.94 -30.55
O MSE D 88 -0.81 -5.04 -29.95
CB MSE D 88 -3.54 -3.44 -29.51
CG MSE D 88 -4.27 -2.12 -29.50
SE MSE D 88 -5.27 -1.83 -27.86
CE MSE D 88 -3.83 -1.64 -26.64
N LYS D 89 -2.48 -5.96 -31.14
CA LYS D 89 -1.96 -7.31 -31.13
C LYS D 89 -0.55 -7.30 -31.74
N ASN D 90 -0.35 -6.43 -32.73
CA ASN D 90 0.94 -6.31 -33.41
C ASN D 90 1.96 -5.66 -32.50
N VAL D 91 1.54 -4.66 -31.74
CA VAL D 91 2.43 -3.98 -30.81
C VAL D 91 2.79 -4.94 -29.70
N SER D 92 1.83 -5.71 -29.24
CA SER D 92 2.07 -6.69 -28.19
C SER D 92 3.11 -7.70 -28.66
N GLN D 93 3.02 -8.11 -29.93
CA GLN D 93 3.95 -9.07 -30.52
C GLN D 93 5.36 -8.49 -30.61
N ARG D 94 5.45 -7.30 -31.20
CA ARG D 94 6.72 -6.62 -31.36
C ARG D 94 7.38 -6.39 -30.01
N LEU D 95 6.56 -6.27 -28.97
CA LEU D 95 7.02 -6.04 -27.60
C LEU D 95 7.67 -7.26 -26.96
N LYS D 96 7.06 -8.44 -27.15
CA LYS D 96 7.59 -9.68 -26.58
C LYS D 96 8.89 -9.98 -27.30
N GLU D 97 8.84 -9.92 -28.63
CA GLU D 97 9.98 -10.22 -29.48
C GLU D 97 11.23 -9.40 -29.15
N LYS D 98 11.09 -8.09 -29.04
CA LYS D 98 12.23 -7.22 -28.76
C LYS D 98 12.82 -7.45 -27.37
N VAL D 99 11.95 -7.70 -26.40
CA VAL D 99 12.37 -7.94 -25.02
C VAL D 99 13.09 -9.30 -24.97
N ARG D 100 12.42 -10.32 -25.49
CA ARG D 100 12.98 -11.66 -25.56
C ARG D 100 14.38 -11.56 -26.18
N GLU D 101 14.47 -10.74 -27.23
CA GLU D 101 15.70 -10.52 -27.95
C GLU D 101 16.77 -9.78 -27.17
N LEU D 102 16.35 -8.87 -26.29
CA LEU D 102 17.29 -8.09 -25.49
C LEU D 102 17.75 -8.82 -24.25
N LEU D 103 16.94 -9.75 -23.76
CA LEU D 103 17.29 -10.52 -22.59
C LEU D 103 18.10 -11.75 -22.99
N GLU D 104 17.83 -12.24 -24.21
CA GLU D 104 18.52 -13.42 -24.75
C GLU D 104 19.89 -12.93 -25.28
N SER D 105 19.97 -11.62 -25.54
CA SER D 105 21.19 -11.01 -26.01
C SER D 105 22.01 -10.66 -24.76
N GLU D 106 22.02 -9.38 -24.40
CA GLU D 106 22.75 -8.91 -23.23
C GLU D 106 22.09 -9.31 -21.88
N ASP D 107 22.75 -8.96 -20.77
CA ASP D 107 22.23 -9.29 -19.45
C ASP D 107 21.81 -8.03 -18.72
N TRP D 108 20.71 -8.11 -17.98
CA TRP D 108 20.20 -6.95 -17.27
C TRP D 108 20.06 -7.19 -15.78
N ASP D 109 20.05 -6.10 -15.02
CA ASP D 109 19.93 -6.18 -13.57
C ASP D 109 18.49 -5.94 -13.16
N LEU D 110 17.77 -5.17 -13.97
CA LEU D 110 16.38 -4.85 -13.68
C LEU D 110 15.60 -4.45 -14.93
N VAL D 111 14.30 -4.68 -14.89
CA VAL D 111 13.41 -4.29 -15.97
C VAL D 111 12.23 -3.57 -15.35
N PHE D 112 11.90 -2.42 -15.91
CA PHE D 112 10.79 -1.61 -15.42
C PHE D 112 9.91 -1.23 -16.60
N MSE D 113 8.60 -1.39 -16.43
CA MSE D 113 7.70 -1.05 -17.52
C MSE D 113 6.43 -0.31 -17.13
O MSE D 113 5.89 -0.48 -16.03
CB MSE D 113 7.31 -2.31 -18.29
CG MSE D 113 6.56 -2.00 -19.57
SE MSE D 113 5.69 -3.49 -20.43
CE MSE D 113 4.04 -2.60 -20.86
N VAL D 114 5.96 0.51 -18.05
CA VAL D 114 4.74 1.28 -17.89
C VAL D 114 3.98 1.21 -19.21
N GLY D 115 2.81 0.57 -19.18
CA GLY D 115 1.99 0.43 -20.36
C GLY D 115 0.70 -0.31 -19.99
N PRO D 116 -0.19 -0.62 -20.95
CA PRO D 116 -1.41 -1.32 -20.57
C PRO D 116 -1.10 -2.58 -19.78
N VAL D 117 -1.97 -2.92 -18.83
CA VAL D 117 -1.78 -4.08 -17.96
C VAL D 117 -1.77 -5.42 -18.72
N GLY D 118 -2.21 -5.39 -19.98
CA GLY D 118 -2.22 -6.57 -20.80
C GLY D 118 -0.85 -6.85 -21.40
N ASP D 119 -0.08 -5.79 -21.57
CA ASP D 119 1.27 -5.91 -22.12
C ASP D 119 2.24 -6.13 -20.97
N GLN D 120 1.90 -5.60 -19.81
CA GLN D 120 2.75 -5.77 -18.65
C GLN D 120 2.79 -7.24 -18.28
N LYS D 121 1.67 -7.93 -18.50
CA LYS D 121 1.58 -9.34 -18.21
C LYS D 121 2.43 -10.13 -19.19
N GLN D 122 2.24 -9.87 -20.48
CA GLN D 122 2.97 -10.55 -21.53
C GLN D 122 4.47 -10.32 -21.44
N VAL D 123 4.86 -9.13 -21.01
CA VAL D 123 6.25 -8.78 -20.87
C VAL D 123 6.82 -9.41 -19.61
N PHE D 124 5.96 -9.61 -18.60
CA PHE D 124 6.38 -10.23 -17.34
C PHE D 124 6.72 -11.70 -17.55
N GLU D 125 6.00 -12.33 -18.46
CA GLU D 125 6.22 -13.75 -18.75
C GLU D 125 7.62 -13.95 -19.34
N VAL D 126 8.02 -13.01 -20.20
CA VAL D 126 9.33 -13.04 -20.85
C VAL D 126 10.46 -12.79 -19.85
N VAL D 127 10.18 -11.95 -18.87
CA VAL D 127 11.16 -11.61 -17.85
C VAL D 127 11.34 -12.69 -16.80
N LYS D 128 10.24 -13.27 -16.31
CA LYS D 128 10.33 -14.32 -15.30
C LYS D 128 11.09 -15.50 -15.92
N GLU D 129 11.13 -15.51 -17.24
CA GLU D 129 11.78 -16.55 -18.02
C GLU D 129 13.31 -16.51 -17.87
N TYR D 130 13.87 -15.31 -17.73
CA TYR D 130 15.31 -15.13 -17.63
C TYR D 130 15.88 -14.84 -16.25
N GLY D 131 15.03 -14.77 -15.24
CA GLY D 131 15.50 -14.51 -13.89
C GLY D 131 15.87 -13.07 -13.60
N VAL D 132 15.32 -12.15 -14.39
CA VAL D 132 15.57 -10.72 -14.18
C VAL D 132 14.42 -10.12 -13.35
N PRO D 133 14.74 -9.39 -12.27
CA PRO D 133 13.71 -8.77 -11.43
C PRO D 133 12.93 -7.68 -12.16
N MSE D 134 11.65 -7.50 -11.81
CA MSE D 134 10.84 -6.51 -12.50
C MSE D 134 10.03 -5.60 -11.60
O MSE D 134 9.81 -5.86 -10.44
CB MSE D 134 9.88 -7.21 -13.47
CG MSE D 134 9.25 -6.28 -14.50
SE MSE D 134 7.86 -7.10 -15.59
CE MSE D 134 6.44 -5.80 -15.30
N LEU D 135 9.55 -4.52 -12.24
CA LEU D 135 8.69 -3.50 -11.63
C LEU D 135 7.64 -3.04 -12.64
N GLU D 136 6.39 -3.05 -12.19
CA GLU D 136 5.24 -2.65 -13.01
C GLU D 136 4.89 -1.16 -12.76
N HIS D 137 3.75 -0.71 -13.28
CA HIS D 137 3.29 0.68 -13.09
C HIS D 137 2.53 0.78 -11.75
N GLY E 7 15.37 -7.14 -2.01
CA GLY E 7 15.29 -6.86 -0.54
C GLY E 7 14.90 -5.43 -0.27
N PRO E 8 15.08 -4.91 0.96
CA PRO E 8 14.72 -3.51 1.27
C PRO E 8 15.40 -2.53 0.31
N LEU E 9 14.63 -1.57 -0.18
CA LEU E 9 15.15 -0.59 -1.11
C LEU E 9 14.89 0.82 -0.61
N GLY E 10 15.42 1.80 -1.32
CA GLY E 10 15.21 3.19 -0.93
C GLY E 10 13.75 3.56 -1.06
N THR E 11 13.35 4.62 -0.38
CA THR E 11 11.96 5.07 -0.42
C THR E 11 11.53 5.33 -1.86
N PRO E 12 10.54 4.56 -2.36
CA PRO E 12 10.08 4.76 -3.73
C PRO E 12 9.45 6.14 -3.85
N VAL E 13 9.94 6.93 -4.79
CA VAL E 13 9.44 8.28 -4.96
C VAL E 13 9.14 8.56 -6.44
N PRO E 14 8.17 9.45 -6.71
CA PRO E 14 7.79 9.82 -8.09
C PRO E 14 8.73 10.86 -8.67
N MSE E 15 9.12 10.65 -9.92
CA MSE E 15 10.04 11.57 -10.61
C MSE E 15 9.32 12.62 -11.45
O MSE E 15 9.23 12.48 -12.67
CB MSE E 15 11.00 10.76 -11.48
CG MSE E 15 12.13 10.08 -10.71
SE MSE E 15 13.28 11.37 -9.76
CE MSE E 15 13.02 10.70 -7.95
N GLU E 16 8.85 13.69 -10.82
CA GLU E 16 8.15 14.75 -11.53
C GLU E 16 8.71 16.11 -11.19
N LYS E 17 8.22 17.12 -11.91
CA LYS E 17 8.63 18.49 -11.65
C LYS E 17 7.57 19.07 -10.72
N PHE E 18 7.91 19.15 -9.44
CA PHE E 18 6.98 19.72 -8.47
C PHE E 18 7.33 21.20 -8.34
N GLY E 19 8.53 21.56 -8.78
CA GLY E 19 8.95 22.94 -8.70
C GLY E 19 10.07 23.08 -7.69
N LYS E 20 9.79 23.78 -6.60
CA LYS E 20 10.79 24.00 -5.56
C LYS E 20 10.58 22.97 -4.45
N ILE E 21 11.59 22.14 -4.22
CA ILE E 21 11.49 21.10 -3.21
C ILE E 21 12.45 21.24 -2.04
N LEU E 22 11.94 21.00 -0.83
CA LEU E 22 12.74 21.05 0.37
C LEU E 22 12.90 19.61 0.82
N ALA E 23 14.05 19.01 0.52
CA ALA E 23 14.32 17.63 0.90
C ALA E 23 15.12 17.63 2.22
N ILE E 24 14.48 17.11 3.27
CA ILE E 24 15.07 17.08 4.60
C ILE E 24 15.57 15.72 5.01
N GLY E 25 16.72 15.70 5.68
CA GLY E 25 17.29 14.45 6.13
C GLY E 25 17.80 14.63 7.54
N ALA E 26 17.21 13.93 8.49
CA ALA E 26 17.62 14.03 9.88
C ALA E 26 18.61 12.91 10.21
N TYR E 27 19.67 13.26 10.93
CA TYR E 27 20.69 12.28 11.31
C TYR E 27 21.21 11.58 10.06
N THR E 28 21.26 10.25 10.08
CA THR E 28 21.77 9.50 8.93
C THR E 28 20.75 9.42 7.80
N GLY E 29 19.58 9.99 8.06
CA GLY E 29 18.53 9.98 7.05
C GLY E 29 18.99 10.68 5.79
N ILE E 30 19.99 11.55 5.92
CA ILE E 30 20.49 12.30 4.76
C ILE E 30 21.11 11.41 3.68
N VAL E 31 21.67 10.27 4.09
CA VAL E 31 22.28 9.34 3.14
C VAL E 31 21.26 8.88 2.10
N GLU E 32 20.04 8.63 2.56
CA GLU E 32 18.97 8.19 1.69
C GLU E 32 18.38 9.31 0.82
N VAL E 33 18.19 10.50 1.40
CA VAL E 33 17.62 11.58 0.63
C VAL E 33 18.60 12.04 -0.43
N TYR E 34 19.89 11.83 -0.20
CA TYR E 34 20.87 12.26 -1.18
C TYR E 34 20.54 11.85 -2.61
N PRO E 35 20.58 10.53 -2.92
CA PRO E 35 20.26 10.10 -4.29
C PRO E 35 18.89 10.54 -4.79
N ILE E 36 17.98 10.79 -3.87
CA ILE E 36 16.64 11.23 -4.24
C ILE E 36 16.64 12.69 -4.68
N ALA E 37 17.28 13.54 -3.88
CA ALA E 37 17.35 14.97 -4.16
C ALA E 37 18.19 15.27 -5.38
N LYS E 38 19.18 14.42 -5.61
CA LYS E 38 20.05 14.57 -6.75
C LYS E 38 19.27 14.38 -8.04
N ALA E 39 18.43 13.35 -8.06
CA ALA E 39 17.61 13.02 -9.22
C ALA E 39 16.49 14.03 -9.45
N TRP E 40 15.97 14.61 -8.38
CA TRP E 40 14.91 15.60 -8.52
C TRP E 40 15.45 16.86 -9.14
N GLN E 41 16.68 17.23 -8.80
CA GLN E 41 17.30 18.43 -9.34
C GLN E 41 17.50 18.25 -10.85
N GLU E 42 18.06 17.10 -11.24
CA GLU E 42 18.32 16.78 -12.64
C GLU E 42 17.04 16.75 -13.48
N ILE E 43 15.93 16.39 -12.83
CA ILE E 43 14.63 16.32 -13.50
C ILE E 43 13.98 17.70 -13.69
N GLY E 44 14.59 18.72 -13.11
CA GLY E 44 14.06 20.07 -13.26
C GLY E 44 13.44 20.70 -12.02
N ASN E 45 13.75 20.14 -10.87
CA ASN E 45 13.23 20.64 -9.60
C ASN E 45 14.27 21.49 -8.88
N ASP E 46 13.83 22.55 -8.21
CA ASP E 46 14.72 23.41 -7.47
C ASP E 46 14.73 22.89 -6.05
N VAL E 47 15.52 21.85 -5.82
CA VAL E 47 15.57 21.26 -4.50
C VAL E 47 16.68 21.82 -3.63
N THR E 48 16.32 22.13 -2.40
CA THR E 48 17.29 22.64 -1.44
C THR E 48 17.19 21.63 -0.31
N THR E 49 18.31 21.00 0.03
CA THR E 49 18.31 20.00 1.08
C THR E 49 18.71 20.55 2.43
N LEU E 50 18.16 19.95 3.48
CA LEU E 50 18.47 20.38 4.83
C LEU E 50 18.90 19.16 5.63
N HIS E 51 20.09 19.23 6.23
CA HIS E 51 20.57 18.13 7.04
C HIS E 51 20.70 18.62 8.47
N VAL E 52 19.89 18.06 9.37
CA VAL E 52 19.94 18.44 10.79
C VAL E 52 20.46 17.22 11.54
N THR E 53 21.60 17.38 12.18
CA THR E 53 22.22 16.29 12.94
C THR E 53 23.20 16.88 13.93
N PHE E 54 23.95 16.02 14.62
CA PHE E 54 24.95 16.48 15.58
C PHE E 54 26.24 16.84 14.88
N GLU E 55 26.98 17.80 15.45
CA GLU E 55 28.24 18.26 14.86
C GLU E 55 29.13 17.16 14.30
N PRO E 56 29.36 16.08 15.08
CA PRO E 56 30.22 14.97 14.64
C PRO E 56 29.56 13.96 13.69
N MSE E 57 28.46 14.35 13.05
CA MSE E 57 27.74 13.44 12.17
C MSE E 57 27.36 13.94 10.79
O MSE E 57 26.64 13.25 10.08
CB MSE E 57 26.49 12.93 12.85
CG MSE E 57 26.73 12.11 14.08
SE MSE E 57 25.07 11.43 14.82
CE MSE E 57 24.25 10.73 13.22
N VAL E 58 27.81 15.13 10.41
CA VAL E 58 27.46 15.62 9.09
C VAL E 58 28.20 14.77 8.05
N ILE E 59 27.51 14.46 6.96
CA ILE E 59 28.06 13.65 5.88
C ILE E 59 27.46 14.10 4.56
N LEU E 60 28.14 13.80 3.47
CA LEU E 60 27.69 14.13 2.11
C LEU E 60 27.52 15.62 1.82
N LYS E 61 27.95 16.47 2.74
CA LYS E 61 27.86 17.93 2.57
C LYS E 61 28.36 18.42 1.20
N GLU E 62 29.60 18.06 0.88
CA GLU E 62 30.23 18.45 -0.37
C GLU E 62 29.40 17.94 -1.57
N GLU E 63 29.09 16.65 -1.54
CA GLU E 63 28.34 15.95 -2.58
C GLU E 63 27.00 16.55 -2.97
N LEU E 64 26.17 16.91 -1.99
CA LEU E 64 24.86 17.45 -2.33
C LEU E 64 24.78 18.95 -2.49
N GLU E 65 25.89 19.65 -2.27
CA GLU E 65 25.88 21.10 -2.49
C GLU E 65 26.06 21.25 -3.99
N LYS E 66 26.70 20.24 -4.57
CA LYS E 66 26.98 20.16 -5.98
C LYS E 66 25.80 19.56 -6.75
N ALA E 67 24.90 18.87 -6.04
CA ALA E 67 23.76 18.22 -6.68
C ALA E 67 22.44 18.99 -6.59
N VAL E 68 22.31 19.85 -5.58
CA VAL E 68 21.08 20.61 -5.42
C VAL E 68 21.37 22.10 -5.56
N THR E 69 20.32 22.91 -5.71
CA THR E 69 20.52 24.35 -5.84
C THR E 69 21.17 24.86 -4.55
N ARG E 70 20.64 24.40 -3.42
CA ARG E 70 21.17 24.80 -2.10
C ARG E 70 21.10 23.71 -1.03
N HIS E 71 22.22 23.50 -0.34
CA HIS E 71 22.27 22.51 0.74
C HIS E 71 22.53 23.19 2.08
N ILE E 72 21.65 22.95 3.05
CA ILE E 72 21.78 23.53 4.38
C ILE E 72 22.14 22.48 5.43
N VAL E 73 23.11 22.81 6.28
CA VAL E 73 23.52 21.89 7.33
C VAL E 73 23.40 22.61 8.67
N GLU E 74 22.69 22.00 9.61
CA GLU E 74 22.51 22.57 10.93
C GLU E 74 23.10 21.61 11.95
N PRO E 75 24.40 21.76 12.29
CA PRO E 75 25.09 20.91 13.26
C PRO E 75 24.79 21.29 14.70
N VAL E 76 24.08 20.41 15.40
CA VAL E 76 23.73 20.63 16.80
C VAL E 76 24.82 19.97 17.66
N PRO E 77 25.33 20.70 18.68
CA PRO E 77 26.39 20.20 19.57
C PRO E 77 25.96 19.00 20.40
N LEU E 78 26.74 17.93 20.35
CA LEU E 78 26.43 16.72 21.08
C LEU E 78 26.94 16.78 22.52
N ASN E 79 26.08 17.22 23.44
CA ASN E 79 26.42 17.31 24.85
C ASN E 79 26.47 15.92 25.49
N PRO E 80 27.69 15.42 25.79
CA PRO E 80 27.91 14.10 26.39
C PRO E 80 27.62 14.03 27.89
N ASN E 81 27.04 15.08 28.45
CA ASN E 81 26.73 15.11 29.88
C ASN E 81 25.23 14.93 30.11
N GLN E 82 24.53 14.48 29.08
CA GLN E 82 23.09 14.26 29.17
C GLN E 82 22.71 13.02 28.41
N ASP E 83 21.68 12.33 28.88
CA ASP E 83 21.22 11.13 28.20
C ASP E 83 20.95 11.57 26.75
N PHE E 84 21.11 10.62 25.82
CA PHE E 84 20.93 10.94 24.41
C PHE E 84 19.58 11.55 24.10
N LEU E 85 18.58 11.20 24.91
CA LEU E 85 17.23 11.72 24.73
C LEU E 85 17.21 13.26 24.84
N ALA E 86 17.91 13.76 25.85
CA ALA E 86 18.01 15.18 26.09
C ALA E 86 18.66 15.89 24.90
N ASN E 87 19.57 15.20 24.23
CA ASN E 87 20.29 15.74 23.08
C ASN E 87 19.48 15.74 21.78
N MSE E 88 18.67 14.70 21.59
CA MSE E 88 17.85 14.60 20.40
C MSE E 88 16.82 15.71 20.43
O MSE E 88 16.40 16.23 19.39
CB MSE E 88 17.13 13.26 20.37
CG MSE E 88 18.04 12.05 20.34
SE MSE E 88 16.94 10.45 20.13
CE MSE E 88 16.49 10.70 18.26
N LYS E 89 16.41 16.08 21.65
CA LYS E 89 15.43 17.14 21.85
C LYS E 89 15.94 18.43 21.21
N ASN E 90 17.25 18.64 21.26
CA ASN E 90 17.87 19.83 20.68
C ASN E 90 17.81 19.79 19.17
N VAL E 91 18.01 18.60 18.61
CA VAL E 91 17.96 18.41 17.16
C VAL E 91 16.51 18.60 16.71
N SER E 92 15.58 18.07 17.48
CA SER E 92 14.17 18.22 17.17
C SER E 92 13.80 19.70 17.12
N GLN E 93 14.31 20.47 18.08
CA GLN E 93 14.05 21.90 18.17
C GLN E 93 14.64 22.64 16.99
N ARG E 94 15.93 22.41 16.71
CA ARG E 94 16.62 23.06 15.61
C ARG E 94 15.92 22.76 14.28
N LEU E 95 15.29 21.60 14.23
CA LEU E 95 14.58 21.13 13.04
C LEU E 95 13.28 21.89 12.78
N LYS E 96 12.51 22.13 13.84
CA LYS E 96 11.25 22.86 13.71
C LYS E 96 11.56 24.31 13.35
N GLU E 97 12.50 24.88 14.08
CA GLU E 97 12.92 26.27 13.88
C GLU E 97 13.39 26.59 12.45
N LYS E 98 14.29 25.77 11.90
CA LYS E 98 14.80 26.00 10.57
C LYS E 98 13.74 25.85 9.49
N VAL E 99 12.86 24.86 9.64
CA VAL E 99 11.78 24.62 8.68
C VAL E 99 10.78 25.77 8.74
N ARG E 100 10.32 26.08 9.94
CA ARG E 100 9.40 27.19 10.19
C ARG E 100 9.98 28.42 9.51
N GLU E 101 11.29 28.59 9.69
CA GLU E 101 12.02 29.72 9.14
C GLU E 101 12.10 29.70 7.62
N LEU E 102 12.19 28.51 7.04
CA LEU E 102 12.29 28.38 5.57
C LEU E 102 10.94 28.47 4.88
N LEU E 103 9.88 28.14 5.59
CA LEU E 103 8.54 28.20 5.02
C LEU E 103 7.95 29.59 5.23
N GLU E 104 8.37 30.24 6.31
CA GLU E 104 7.91 31.58 6.63
C GLU E 104 8.70 32.55 5.77
N SER E 105 9.84 32.09 5.28
CA SER E 105 10.69 32.88 4.41
C SER E 105 10.17 32.67 2.98
N GLU E 106 10.88 31.87 2.20
CA GLU E 106 10.50 31.57 0.82
C GLU E 106 9.27 30.65 0.71
N ASP E 107 8.83 30.38 -0.52
CA ASP E 107 7.66 29.52 -0.74
C ASP E 107 8.11 28.25 -1.42
N TRP E 108 7.49 27.14 -1.03
CA TRP E 108 7.85 25.84 -1.59
C TRP E 108 6.67 25.12 -2.23
N ASP E 109 6.97 24.20 -3.11
CA ASP E 109 5.95 23.41 -3.79
C ASP E 109 5.77 22.05 -3.13
N LEU E 110 6.83 21.58 -2.48
CA LEU E 110 6.78 20.28 -1.82
C LEU E 110 7.86 20.13 -0.74
N VAL E 111 7.55 19.30 0.24
CA VAL E 111 8.50 19.02 1.30
C VAL E 111 8.55 17.51 1.46
N PHE E 112 9.77 16.96 1.50
CA PHE E 112 9.96 15.53 1.65
C PHE E 112 10.98 15.31 2.75
N MSE E 113 10.70 14.38 3.64
CA MSE E 113 11.62 14.12 4.72
C MSE E 113 11.83 12.66 5.06
O MSE E 113 10.93 11.82 4.90
CB MSE E 113 11.16 14.84 5.98
CG MSE E 113 12.21 14.79 7.06
SE MSE E 113 11.58 15.29 8.77
CE MSE E 113 12.48 13.96 9.83
N VAL E 114 13.03 12.37 5.55
CA VAL E 114 13.41 11.04 5.99
C VAL E 114 14.21 11.20 7.30
N GLY E 115 13.66 10.64 8.37
CA GLY E 115 14.28 10.71 9.69
C GLY E 115 13.39 9.98 10.70
N PRO E 116 13.75 9.98 12.00
CA PRO E 116 12.88 9.30 12.96
C PRO E 116 11.44 9.77 12.84
N VAL E 117 10.51 8.85 13.08
CA VAL E 117 9.08 9.15 12.98
C VAL E 117 8.61 10.19 13.99
N GLY E 118 9.44 10.49 14.98
CA GLY E 118 9.08 11.49 15.98
C GLY E 118 9.35 12.89 15.50
N ASP E 119 10.29 13.00 14.56
CA ASP E 119 10.65 14.28 13.98
C ASP E 119 9.80 14.53 12.75
N GLN E 120 9.38 13.44 12.10
CA GLN E 120 8.55 13.54 10.93
C GLN E 120 7.20 14.12 11.34
N LYS E 121 6.78 13.79 12.55
CA LYS E 121 5.53 14.29 13.07
C LYS E 121 5.66 15.78 13.36
N GLN E 122 6.68 16.13 14.14
CA GLN E 122 6.92 17.52 14.51
C GLN E 122 7.13 18.42 13.30
N VAL E 123 7.75 17.88 12.26
CA VAL E 123 8.00 18.63 11.03
C VAL E 123 6.72 18.72 10.21
N PHE E 124 5.86 17.73 10.35
CA PHE E 124 4.60 17.71 9.61
C PHE E 124 3.68 18.80 10.15
N GLU E 125 3.76 19.05 11.45
CA GLU E 125 2.93 20.05 12.07
C GLU E 125 3.25 21.43 11.51
N VAL E 126 4.54 21.68 11.30
CA VAL E 126 5.02 22.95 10.77
C VAL E 126 4.60 23.12 9.31
N VAL E 127 4.56 22.00 8.58
CA VAL E 127 4.21 22.02 7.18
C VAL E 127 2.72 22.18 6.94
N LYS E 128 1.90 21.46 7.71
CA LYS E 128 0.44 21.55 7.54
C LYS E 128 0.00 23.00 7.87
N GLU E 129 0.89 23.69 8.57
CA GLU E 129 0.68 25.06 9.00
C GLU E 129 0.72 26.03 7.84
N TYR E 130 1.56 25.74 6.84
CA TYR E 130 1.73 26.61 5.68
C TYR E 130 1.04 26.19 4.38
N GLY E 131 0.34 25.06 4.39
CA GLY E 131 -0.34 24.62 3.19
C GLY E 131 0.55 24.01 2.13
N VAL E 132 1.74 23.54 2.54
CA VAL E 132 2.67 22.91 1.61
C VAL E 132 2.52 21.39 1.69
N PRO E 133 2.36 20.71 0.54
CA PRO E 133 2.20 19.24 0.53
C PRO E 133 3.45 18.50 0.99
N MSE E 134 3.27 17.35 1.63
CA MSE E 134 4.41 16.61 2.14
C MSE E 134 4.44 15.13 1.82
O MSE E 134 3.45 14.53 1.40
CB MSE E 134 4.49 16.76 3.66
CG MSE E 134 5.83 16.35 4.25
SE MSE E 134 5.87 16.29 6.19
CE MSE E 134 6.53 14.48 6.48
N LEU E 135 5.61 14.55 2.11
CA LEU E 135 5.95 13.14 1.95
C LEU E 135 6.86 12.67 3.08
N GLU E 136 6.96 11.34 3.27
CA GLU E 136 7.78 10.73 4.32
C GLU E 136 8.76 9.71 3.74
N HIS E 137 9.35 8.89 4.62
CA HIS E 137 10.29 7.84 4.22
C HIS E 137 9.60 6.45 4.10
N GLY F 7 -1.20 12.45 9.48
CA GLY F 7 0.26 12.58 9.81
C GLY F 7 1.03 11.26 9.86
N PRO F 8 2.36 11.32 10.06
CA PRO F 8 3.24 10.15 10.14
C PRO F 8 3.08 9.36 11.42
N LEU F 9 3.04 8.05 11.30
CA LEU F 9 2.90 7.18 12.46
C LEU F 9 3.98 6.11 12.48
N GLY F 10 4.05 5.36 13.57
CA GLY F 10 5.05 4.33 13.71
C GLY F 10 4.82 3.27 12.66
N THR F 11 5.85 2.50 12.34
CA THR F 11 5.74 1.44 11.36
C THR F 11 4.61 0.48 11.71
N PRO F 12 3.58 0.40 10.84
CA PRO F 12 2.44 -0.50 11.11
C PRO F 12 2.93 -1.94 11.07
N VAL F 13 2.71 -2.65 12.16
CA VAL F 13 3.17 -4.02 12.29
C VAL F 13 2.06 -4.96 12.78
N PRO F 14 2.07 -6.23 12.35
CA PRO F 14 1.05 -7.21 12.75
C PRO F 14 1.31 -7.76 14.13
N MSE F 15 0.25 -7.89 14.93
CA MSE F 15 0.35 -8.40 16.30
C MSE F 15 0.04 -9.90 16.42
O MSE F 15 -1.04 -10.28 16.84
CB MSE F 15 -0.58 -7.61 17.22
CG MSE F 15 -0.05 -6.23 17.62
SE MSE F 15 1.62 -6.30 18.64
CE MSE F 15 2.74 -5.24 17.39
N GLU F 16 1.03 -10.73 16.09
CA GLU F 16 0.86 -12.17 16.16
C GLU F 16 1.98 -12.84 16.93
N LYS F 17 1.81 -14.13 17.16
CA LYS F 17 2.83 -14.89 17.84
C LYS F 17 3.68 -15.54 16.76
N PHE F 18 4.85 -14.96 16.51
CA PHE F 18 5.74 -15.51 15.51
C PHE F 18 6.70 -16.46 16.24
N GLY F 19 6.79 -16.29 17.54
CA GLY F 19 7.67 -17.13 18.35
C GLY F 19 8.82 -16.32 18.90
N LYS F 20 10.03 -16.61 18.45
CA LYS F 20 11.21 -15.89 18.91
C LYS F 20 11.55 -14.80 17.89
N ILE F 21 11.52 -13.55 18.35
CA ILE F 21 11.77 -12.41 17.48
C ILE F 21 13.03 -11.64 17.80
N LEU F 22 13.77 -11.28 16.78
CA LEU F 22 14.96 -10.47 16.95
C LEU F 22 14.61 -9.08 16.44
N ALA F 23 14.30 -8.17 17.36
CA ALA F 23 13.94 -6.80 16.99
C ALA F 23 15.20 -5.91 17.07
N ILE F 24 15.66 -5.44 15.90
CA ILE F 24 16.86 -4.61 15.81
C ILE F 24 16.60 -3.12 15.63
N GLY F 25 17.39 -2.29 16.29
CA GLY F 25 17.24 -0.86 16.19
C GLY F 25 18.61 -0.24 16.06
N ALA F 26 18.88 0.39 14.92
CA ALA F 26 20.17 1.03 14.71
C ALA F 26 20.06 2.51 15.01
N TYR F 27 21.04 3.03 15.73
CA TYR F 27 21.06 4.44 16.09
C TYR F 27 19.78 4.80 16.83
N THR F 28 19.12 5.88 16.45
CA THR F 28 17.87 6.30 17.12
C THR F 28 16.69 5.44 16.70
N GLY F 29 16.93 4.50 15.80
CA GLY F 29 15.87 3.63 15.33
C GLY F 29 15.32 2.81 16.47
N ILE F 30 16.08 2.71 17.56
CA ILE F 30 15.64 1.92 18.71
C ILE F 30 14.41 2.51 19.40
N VAL F 31 14.27 3.82 19.32
CA VAL F 31 13.14 4.52 19.93
C VAL F 31 11.81 3.96 19.38
N GLU F 32 11.78 3.75 18.07
CA GLU F 32 10.60 3.24 17.40
C GLU F 32 10.37 1.75 17.62
N VAL F 33 11.43 0.96 17.64
CA VAL F 33 11.26 -0.47 17.85
C VAL F 33 10.84 -0.75 19.29
N TYR F 34 11.18 0.14 20.21
CA TYR F 34 10.81 -0.06 21.59
C TYR F 34 9.34 -0.41 21.79
N PRO F 35 8.42 0.52 21.53
CA PRO F 35 7.00 0.19 21.71
C PRO F 35 6.53 -1.05 20.91
N ILE F 36 7.19 -1.34 19.80
CA ILE F 36 6.83 -2.50 18.98
C ILE F 36 7.25 -3.81 19.66
N ALA F 37 8.50 -3.89 20.11
CA ALA F 37 9.04 -5.07 20.78
C ALA F 37 8.34 -5.33 22.13
N LYS F 38 7.93 -4.25 22.77
CA LYS F 38 7.26 -4.33 24.06
C LYS F 38 5.93 -5.05 23.87
N ALA F 39 5.20 -4.66 22.83
CA ALA F 39 3.91 -5.23 22.53
C ALA F 39 4.00 -6.67 22.02
N TRP F 40 5.10 -6.99 21.33
CA TRP F 40 5.26 -8.36 20.84
C TRP F 40 5.54 -9.32 21.98
N GLN F 41 6.26 -8.86 22.98
CA GLN F 41 6.57 -9.69 24.13
C GLN F 41 5.28 -10.00 24.88
N GLU F 42 4.48 -8.97 25.14
CA GLU F 42 3.20 -9.11 25.86
C GLU F 42 2.21 -10.05 25.14
N ILE F 43 2.29 -10.07 23.81
CA ILE F 43 1.43 -10.91 22.97
C ILE F 43 1.88 -12.38 22.96
N GLY F 44 3.02 -12.68 23.58
CA GLY F 44 3.49 -14.05 23.62
C GLY F 44 4.70 -14.37 22.78
N ASN F 45 5.44 -13.35 22.38
CA ASN F 45 6.64 -13.53 21.56
C ASN F 45 7.90 -13.40 22.41
N ASP F 46 8.90 -14.21 22.11
CA ASP F 46 10.17 -14.18 22.82
C ASP F 46 11.05 -13.23 22.03
N VAL F 47 10.87 -11.94 22.26
CA VAL F 47 11.65 -10.95 21.53
C VAL F 47 12.91 -10.52 22.28
N THR F 48 14.02 -10.49 21.56
CA THR F 48 15.26 -10.06 22.13
C THR F 48 15.63 -8.91 21.23
N THR F 49 15.86 -7.75 21.83
CA THR F 49 16.21 -6.57 21.04
C THR F 49 17.71 -6.32 20.97
N LEU F 50 18.13 -5.72 19.86
CA LEU F 50 19.53 -5.40 19.66
C LEU F 50 19.64 -3.93 19.26
N HIS F 51 20.41 -3.17 20.02
CA HIS F 51 20.60 -1.77 19.72
C HIS F 51 22.05 -1.56 19.37
N VAL F 52 22.33 -1.21 18.12
CA VAL F 52 23.71 -0.95 17.70
C VAL F 52 23.79 0.55 17.40
N THR F 53 24.66 1.23 18.14
CA THR F 53 24.84 2.67 17.98
C THR F 53 26.19 3.07 18.60
N PHE F 54 26.47 4.37 18.65
CA PHE F 54 27.72 4.86 19.23
C PHE F 54 27.60 4.97 20.75
N GLU F 55 28.72 4.80 21.44
CA GLU F 55 28.74 4.85 22.90
C GLU F 55 27.88 5.96 23.51
N PRO F 56 28.02 7.20 23.00
CA PRO F 56 27.26 8.33 23.53
C PRO F 56 25.82 8.44 23.04
N MSE F 57 25.27 7.35 22.54
CA MSE F 57 23.91 7.38 22.02
C MSE F 57 22.94 6.29 22.43
O MSE F 57 21.84 6.20 21.90
CB MSE F 57 23.95 7.41 20.50
CG MSE F 57 24.57 8.66 19.94
SE MSE F 57 24.52 8.61 18.04
CE MSE F 57 22.64 8.16 17.75
N VAL F 58 23.34 5.43 23.37
CA VAL F 58 22.44 4.38 23.80
C VAL F 58 21.29 5.02 24.60
N ILE F 59 20.08 4.51 24.39
CA ILE F 59 18.90 5.03 25.04
C ILE F 59 17.89 3.90 25.27
N LEU F 60 16.98 4.09 26.22
CA LEU F 60 15.95 3.10 26.55
C LEU F 60 16.46 1.76 27.03
N LYS F 61 17.76 1.65 27.26
CA LYS F 61 18.36 0.39 27.71
C LYS F 61 17.61 -0.26 28.87
N GLU F 62 17.40 0.53 29.92
CA GLU F 62 16.71 0.06 31.13
C GLU F 62 15.29 -0.39 30.79
N GLU F 63 14.58 0.48 30.07
CA GLU F 63 13.19 0.27 29.65
C GLU F 63 12.89 -1.02 28.91
N LEU F 64 13.71 -1.34 27.90
CA LEU F 64 13.45 -2.55 27.12
C LEU F 64 14.10 -3.83 27.63
N GLU F 65 14.86 -3.75 28.71
CA GLU F 65 15.45 -4.96 29.29
C GLU F 65 14.33 -5.53 30.13
N LYS F 66 13.45 -4.64 30.56
CA LYS F 66 12.31 -4.97 31.38
C LYS F 66 11.09 -5.36 30.53
N ALA F 67 11.13 -5.01 29.25
CA ALA F 67 10.04 -5.31 28.33
C ALA F 67 10.24 -6.54 27.45
N VAL F 68 11.48 -6.91 27.18
CA VAL F 68 11.76 -8.07 26.34
C VAL F 68 12.47 -9.15 27.12
N THR F 69 12.55 -10.37 26.59
CA THR F 69 13.23 -11.43 27.30
C THR F 69 14.70 -11.02 27.46
N ARG F 70 15.29 -10.50 26.39
CA ARG F 70 16.68 -10.07 26.41
C ARG F 70 17.00 -8.87 25.53
N HIS F 71 17.69 -7.88 26.10
CA HIS F 71 18.07 -6.68 25.36
C HIS F 71 19.59 -6.57 25.22
N ILE F 72 20.08 -6.51 23.98
CA ILE F 72 21.51 -6.38 23.70
C ILE F 72 21.88 -5.00 23.20
N VAL F 73 22.96 -4.44 23.75
CA VAL F 73 23.44 -3.13 23.34
C VAL F 73 24.89 -3.27 22.91
N GLU F 74 25.21 -2.79 21.72
CA GLU F 74 26.56 -2.84 21.18
C GLU F 74 27.03 -1.40 20.92
N PRO F 75 27.66 -0.77 21.92
CA PRO F 75 28.16 0.62 21.80
C PRO F 75 29.48 0.71 21.06
N VAL F 76 29.44 1.29 19.87
CA VAL F 76 30.62 1.46 19.05
C VAL F 76 31.21 2.84 19.38
N PRO F 77 32.54 2.90 19.60
CA PRO F 77 33.26 4.14 19.93
C PRO F 77 33.22 5.17 18.82
N LEU F 78 32.78 6.37 19.16
CA LEU F 78 32.69 7.44 18.18
C LEU F 78 34.02 8.17 18.00
N ASN F 79 34.84 7.72 17.06
CA ASN F 79 36.14 8.35 16.78
C ASN F 79 35.94 9.73 16.07
N PRO F 80 36.19 10.83 16.81
CA PRO F 80 36.05 12.19 16.28
C PRO F 80 37.18 12.65 15.38
N ASN F 81 38.06 11.72 15.02
CA ASN F 81 39.19 12.06 14.15
C ASN F 81 38.95 11.52 12.72
N GLN F 82 37.70 11.19 12.42
CA GLN F 82 37.34 10.69 11.12
C GLN F 82 35.98 11.22 10.71
N ASP F 83 35.79 11.41 9.41
CA ASP F 83 34.50 11.87 8.92
C ASP F 83 33.48 10.88 9.47
N PHE F 84 32.26 11.35 9.68
CA PHE F 84 31.23 10.50 10.22
C PHE F 84 31.03 9.21 9.42
N LEU F 85 31.28 9.29 8.11
CA LEU F 85 31.13 8.13 7.23
C LEU F 85 32.01 6.98 7.69
N ALA F 86 33.26 7.30 8.00
CA ALA F 86 34.22 6.31 8.44
C ALA F 86 33.76 5.65 9.74
N ASN F 87 33.00 6.39 10.55
CA ASN F 87 32.51 5.88 11.84
C ASN F 87 31.27 5.00 11.71
N MSE F 88 30.40 5.35 10.77
CA MSE F 88 29.19 4.58 10.57
C MSE F 88 29.58 3.20 10.08
O MSE F 88 28.90 2.21 10.33
CB MSE F 88 28.30 5.25 9.54
CG MSE F 88 27.86 6.64 9.91
SE MSE F 88 26.63 7.36 8.55
CE MSE F 88 25.09 6.20 9.01
N LYS F 89 30.70 3.16 9.36
CA LYS F 89 31.21 1.93 8.78
C LYS F 89 31.48 0.93 9.89
N ASN F 90 31.90 1.45 11.04
CA ASN F 90 32.17 0.60 12.20
C ASN F 90 30.88 0.05 12.78
N VAL F 91 29.83 0.88 12.78
CA VAL F 91 28.52 0.45 13.31
C VAL F 91 27.93 -0.58 12.36
N SER F 92 28.12 -0.35 11.07
CA SER F 92 27.63 -1.28 10.07
C SER F 92 28.31 -2.63 10.27
N GLN F 93 29.61 -2.61 10.58
CA GLN F 93 30.38 -3.84 10.80
C GLN F 93 29.92 -4.58 12.04
N ARG F 94 29.83 -3.85 13.14
CA ARG F 94 29.40 -4.42 14.42
C ARG F 94 28.01 -5.03 14.29
N LEU F 95 27.20 -4.45 13.41
CA LEU F 95 25.83 -4.89 13.16
C LEU F 95 25.74 -6.23 12.43
N LYS F 96 26.57 -6.42 11.39
CA LYS F 96 26.58 -7.67 10.63
C LYS F 96 27.12 -8.76 11.52
N GLU F 97 28.22 -8.46 12.20
CA GLU F 97 28.87 -9.41 13.08
C GLU F 97 27.96 -9.96 14.18
N LYS F 98 27.28 -9.07 14.90
CA LYS F 98 26.41 -9.51 15.99
C LYS F 98 25.20 -10.31 15.50
N VAL F 99 24.65 -9.93 14.36
CA VAL F 99 23.49 -10.63 13.79
C VAL F 99 23.93 -12.00 13.30
N ARG F 100 25.01 -12.03 12.52
CA ARG F 100 25.59 -13.26 12.02
C ARG F 100 25.82 -14.19 13.21
N GLU F 101 26.33 -13.62 14.29
CA GLU F 101 26.60 -14.34 15.51
C GLU F 101 25.35 -14.85 16.23
N LEU F 102 24.26 -14.09 16.18
CA LEU F 102 23.02 -14.49 16.83
C LEU F 102 22.20 -15.49 16.04
N LEU F 103 22.37 -15.49 14.72
CA LEU F 103 21.64 -16.41 13.86
C LEU F 103 22.41 -17.72 13.74
N GLU F 104 23.73 -17.63 13.81
CA GLU F 104 24.61 -18.80 13.73
C GLU F 104 24.58 -19.48 15.09
N SER F 105 24.18 -18.72 16.10
CA SER F 105 24.05 -19.22 17.46
C SER F 105 22.66 -19.83 17.57
N GLU F 106 21.74 -19.14 18.22
CA GLU F 106 20.37 -19.61 18.39
C GLU F 106 19.54 -19.55 17.11
N ASP F 107 18.30 -20.03 17.18
CA ASP F 107 17.41 -20.01 16.02
C ASP F 107 16.27 -19.04 16.26
N TRP F 108 15.87 -18.34 15.20
CA TRP F 108 14.82 -17.34 15.31
C TRP F 108 13.68 -17.60 14.36
N ASP F 109 12.52 -17.04 14.68
CA ASP F 109 11.34 -17.20 13.86
C ASP F 109 11.13 -15.98 12.96
N LEU F 110 11.66 -14.84 13.41
CA LEU F 110 11.51 -13.60 12.66
C LEU F 110 12.54 -12.58 13.06
N VAL F 111 12.87 -11.71 12.13
CA VAL F 111 13.80 -10.61 12.39
C VAL F 111 13.15 -9.32 11.87
N PHE F 112 13.15 -8.29 12.71
CA PHE F 112 12.56 -7.02 12.33
C PHE F 112 13.57 -5.92 12.64
N MSE F 113 13.75 -5.02 11.68
CA MSE F 113 14.69 -3.95 11.89
C MSE F 113 14.25 -2.56 11.43
O MSE F 113 13.49 -2.41 10.47
CB MSE F 113 16.01 -4.27 11.21
CG MSE F 113 17.08 -3.27 11.59
SE MSE F 113 18.67 -3.36 10.53
CE MSE F 113 19.01 -1.46 10.35
N VAL F 114 14.76 -1.56 12.14
CA VAL F 114 14.50 -0.17 11.84
C VAL F 114 15.82 0.59 11.98
N GLY F 115 16.30 1.15 10.87
CA GLY F 115 17.54 1.89 10.85
C GLY F 115 17.81 2.40 9.44
N PRO F 116 18.95 3.06 9.19
CA PRO F 116 19.19 3.53 7.82
C PRO F 116 19.03 2.39 6.80
N VAL F 117 18.55 2.72 5.62
CA VAL F 117 18.32 1.73 4.57
C VAL F 117 19.60 1.02 4.09
N GLY F 118 20.76 1.60 4.43
CA GLY F 118 22.02 1.01 4.04
C GLY F 118 22.41 -0.14 4.97
N ASP F 119 21.91 -0.09 6.19
CA ASP F 119 22.18 -1.13 7.17
C ASP F 119 21.11 -2.20 7.05
N GLN F 120 19.92 -1.78 6.60
CA GLN F 120 18.84 -2.72 6.45
C GLN F 120 19.20 -3.68 5.34
N LYS F 121 19.95 -3.17 4.36
CA LYS F 121 20.38 -4.01 3.26
C LYS F 121 21.43 -5.00 3.74
N GLN F 122 22.46 -4.49 4.38
CA GLN F 122 23.54 -5.33 4.89
C GLN F 122 23.05 -6.38 5.87
N VAL F 123 22.04 -6.03 6.67
CA VAL F 123 21.49 -6.94 7.65
C VAL F 123 20.58 -7.96 6.96
N PHE F 124 19.98 -7.56 5.84
CA PHE F 124 19.09 -8.45 5.09
C PHE F 124 19.89 -9.57 4.44
N GLU F 125 21.12 -9.25 4.06
CA GLU F 125 22.02 -10.21 3.41
C GLU F 125 22.37 -11.35 4.37
N VAL F 126 22.57 -10.99 5.63
CA VAL F 126 22.89 -11.93 6.69
C VAL F 126 21.68 -12.81 7.01
N VAL F 127 20.50 -12.22 6.91
CA VAL F 127 19.27 -12.94 7.23
C VAL F 127 18.84 -13.89 6.13
N LYS F 128 18.90 -13.45 4.88
CA LYS F 128 18.51 -14.31 3.77
C LYS F 128 19.45 -15.51 3.75
N GLU F 129 20.58 -15.34 4.39
CA GLU F 129 21.61 -16.34 4.50
C GLU F 129 21.15 -17.54 5.36
N TYR F 130 20.36 -17.27 6.39
CA TYR F 130 19.91 -18.35 7.30
C TYR F 130 18.47 -18.84 7.15
N GLY F 131 17.74 -18.28 6.19
CA GLY F 131 16.36 -18.71 5.99
C GLY F 131 15.37 -18.16 7.00
N VAL F 132 15.72 -17.05 7.65
CA VAL F 132 14.82 -16.43 8.63
C VAL F 132 14.07 -15.29 7.95
N PRO F 133 12.72 -15.27 8.08
CA PRO F 133 11.89 -14.20 7.47
C PRO F 133 12.15 -12.82 8.08
N MSE F 134 12.07 -11.78 7.26
CA MSE F 134 12.32 -10.42 7.73
C MSE F 134 11.26 -9.39 7.36
O MSE F 134 10.42 -9.62 6.52
CB MSE F 134 13.66 -9.94 7.20
CG MSE F 134 14.22 -8.74 7.96
SE MSE F 134 15.81 -7.93 7.21
CE MSE F 134 15.22 -6.11 7.00
N LEU F 135 11.38 -8.22 7.98
CA LEU F 135 10.48 -7.09 7.75
C LEU F 135 11.29 -5.76 7.68
N GLU F 136 11.27 -5.11 6.50
CA GLU F 136 11.98 -3.85 6.25
C GLU F 136 11.10 -2.58 6.09
N HIS F 137 11.62 -1.56 5.41
CA HIS F 137 10.89 -0.31 5.17
C HIS F 137 11.24 0.33 3.81
#